data_7PBC
#
_entry.id   7PBC
#
_cell.length_a   54.330
_cell.length_b   77.500
_cell.length_c   115.120
_cell.angle_alpha   90.000
_cell.angle_beta   102.880
_cell.angle_gamma   90.000
#
_symmetry.space_group_name_H-M   'P 1 21 1'
#
loop_
_entity.id
_entity.type
_entity.pdbx_description
1 polymer 'MHC class I antigen'
2 polymer Beta-2-microglobulin
3 polymer 'T-cell receptor (TRAV/TRAC)'
4 polymer 'T-cell receptor (TRBV/TRBC)'
5 polymer 'Melanoma-associated antigen 10'
6 non-polymer GLYCEROL
7 non-polymer 'CHLORIDE ION'
8 water water
#
loop_
_entity_poly.entity_id
_entity_poly.type
_entity_poly.pdbx_seq_one_letter_code
_entity_poly.pdbx_strand_id
1 'polypeptide(L)'
;MGSHSMRYFFTSVSRPGRGEPRFIAVGYVDDTQFVRFDSDAASQRMEPRAPWIEQEGPEYWDGETRKVKAHSQTHRVDLG
TLRGYYNQSEAGSHTVQRMYGCDVGSDWRFLRGYHQYAYDGKDYIALKEDLRSWTAADMAAQTTKHKWEAAHVAEQLRAY
LEGTCVEWLRRYLENGKETLQRTDAPKTHMTHHAVSDHEATLRCWALSFYPAEITLTWQRDGEDQTQDTELVETRPAGDG
TFQKWAAVVVPSGQEQRYTCHVQHEGLPKPLTLRWEP
;
CCC
2 'polypeptide(L)'
;MIQRTPKIQVYSRHPAENGKSNFLNCYVSGFHPSDIEVDLLKNGERIEKVEHSDLSFSKDWSFYLLYYTEFTPTEKDEYA
CRVNHVTLSQPKIVKWDRDM
;
DDD
3 'polypeptide(L)'
;MQKEVEQNSGPLSVPEGAIASLNCTYSDRGSQSFFWYRQYSGKSPELIMSIYSNGDKEDGRFTAQLNKASQYVSLLIRDS
QPSDSATYLCAVRGTGRRALTFGSGTRLQVQPNIQNPDPAVYQLRDSKSSDKSVCLFTDFDSQTNVSQSKDSDVYITDKC
VLDMRSMDFKSNSAVAWSNKSDFACANAFNNSIIPEDTFFPSPESS
;
AAA
4 'polypeptide(L)'
;MNAGVTQTPKFRVLKTGQSMTLLCAQDMNHDYMYWYRQDPGMGLRLIHYSVGEGTTAKGEVPDGYNVSRLKKQNFLLGLE
SAAPSQTSVYFCASSFTDTQYFGPGTRLTVLEDLKNVFPPEVAVFEPSEAEISHTQKATLVCLATGFYPDHVELSWWVNG
KEVHSGVCTDPQPLKEQPALNDSRYALSSRLRVSATFWQDPRNHFRCQVQFYGLSENDEWTQDRAKPVTQIVSAEAWGRA
D
;
BBB
5 'polypeptide(L)' GLYDGMEHL EEE
#
loop_
_chem_comp.id
_chem_comp.type
_chem_comp.name
_chem_comp.formula
CL non-polymer 'CHLORIDE ION' 'Cl -1'
GOL non-polymer GLYCEROL 'C3 H8 O3'
#
# COMPACT_ATOMS: atom_id res chain seq x y z
C GLY A 2 31.18 -12.26 -5.42
N SER A 3 31.04 -10.95 -5.68
CA SER A 3 29.80 -10.18 -5.40
C SER A 3 28.74 -10.47 -6.49
N HIS A 4 27.47 -10.17 -6.20
CA HIS A 4 26.33 -10.35 -7.14
C HIS A 4 25.36 -9.17 -7.03
N SER A 5 24.51 -9.00 -8.04
CA SER A 5 23.52 -7.89 -8.12
C SER A 5 22.20 -8.39 -8.69
N MET A 6 21.10 -7.78 -8.29
CA MET A 6 19.84 -7.83 -9.07
C MET A 6 19.47 -6.39 -9.42
N ARG A 7 19.08 -6.16 -10.68
CA ARG A 7 18.70 -4.83 -11.19
C ARG A 7 17.45 -4.96 -12.06
N TYR A 8 16.51 -4.04 -11.89
CA TYR A 8 15.38 -3.84 -12.83
C TYR A 8 15.50 -2.45 -13.45
N PHE A 9 15.34 -2.41 -14.78
CA PHE A 9 15.42 -1.18 -15.61
C PHE A 9 14.05 -0.98 -16.24
N PHE A 10 13.50 0.23 -16.06
CA PHE A 10 12.18 0.65 -16.58
C PHE A 10 12.38 1.87 -17.46
N THR A 11 11.77 1.84 -18.64
CA THR A 11 11.70 2.97 -19.61
C THR A 11 10.22 3.20 -19.93
N SER A 12 9.74 4.42 -19.67
CA SER A 12 8.39 4.90 -20.04
C SER A 12 8.55 6.05 -21.03
N VAL A 13 7.98 5.95 -22.23
CA VAL A 13 8.10 6.95 -23.34
C VAL A 13 6.70 7.39 -23.78
N SER A 14 6.39 8.68 -23.70
CA SER A 14 5.11 9.23 -24.23
C SER A 14 5.17 9.25 -25.76
N ARG A 15 4.04 8.99 -26.40
CA ARG A 15 3.90 8.91 -27.87
C ARG A 15 2.74 9.79 -28.30
N PRO A 16 2.95 11.11 -28.47
CA PRO A 16 1.86 12.05 -28.68
C PRO A 16 0.70 11.55 -29.56
N GLY A 17 0.96 11.15 -30.80
CA GLY A 17 -0.14 10.76 -31.70
C GLY A 17 -0.65 9.33 -31.46
N ARG A 18 0.18 8.45 -30.90
CA ARG A 18 0.04 6.97 -31.02
C ARG A 18 -0.57 6.36 -29.75
N GLY A 19 -1.34 7.14 -28.98
CA GLY A 19 -2.09 6.67 -27.79
C GLY A 19 -1.18 6.41 -26.60
N GLU A 20 -1.42 5.31 -25.86
CA GLU A 20 -0.76 4.97 -24.57
C GLU A 20 0.77 5.01 -24.67
N PRO A 21 1.46 5.41 -23.59
CA PRO A 21 2.92 5.40 -23.59
C PRO A 21 3.53 3.99 -23.74
N ARG A 22 4.76 3.92 -24.23
CA ARG A 22 5.54 2.67 -24.33
C ARG A 22 6.16 2.39 -22.96
N PHE A 23 6.09 1.15 -22.48
CA PHE A 23 6.64 0.72 -21.17
C PHE A 23 7.45 -0.53 -21.41
N ILE A 24 8.75 -0.45 -21.15
CA ILE A 24 9.66 -1.62 -21.22
C ILE A 24 10.32 -1.82 -19.85
N ALA A 25 10.28 -3.06 -19.35
CA ALA A 25 10.92 -3.50 -18.08
C ALA A 25 11.86 -4.64 -18.40
N VAL A 26 13.10 -4.56 -17.92
CA VAL A 26 14.04 -5.71 -18.03
C VAL A 26 14.59 -5.97 -16.63
N GLY A 27 14.81 -7.24 -16.33
CA GLY A 27 15.45 -7.69 -15.08
C GLY A 27 16.73 -8.42 -15.39
N TYR A 28 17.74 -8.13 -14.61
CA TYR A 28 19.08 -8.75 -14.69
C TYR A 28 19.45 -9.29 -13.32
N VAL A 29 20.11 -10.43 -13.34
CA VAL A 29 20.99 -10.88 -12.24
C VAL A 29 22.39 -10.79 -12.81
N ASP A 30 23.30 -10.08 -12.15
CA ASP A 30 24.64 -9.76 -12.71
C ASP A 30 24.42 -9.27 -14.15
N ASP A 31 25.10 -9.87 -15.13
CA ASP A 31 25.04 -9.45 -16.55
C ASP A 31 24.15 -10.42 -17.34
N THR A 32 23.24 -11.13 -16.67
CA THR A 32 22.34 -12.11 -17.33
C THR A 32 20.90 -11.59 -17.23
N GLN A 33 20.27 -11.24 -18.36
CA GLN A 33 18.84 -10.87 -18.38
C GLN A 33 18.00 -12.11 -18.06
N PHE A 34 17.01 -11.99 -17.20
CA PHE A 34 16.13 -13.14 -16.84
C PHE A 34 14.66 -12.83 -17.13
N VAL A 35 14.22 -11.57 -17.15
CA VAL A 35 12.80 -11.21 -17.44
C VAL A 35 12.70 -9.98 -18.35
N ARG A 36 11.57 -9.86 -19.02
CA ARG A 36 11.20 -8.64 -19.78
C ARG A 36 9.68 -8.44 -19.75
N PHE A 37 9.27 -7.18 -19.89
CA PHE A 37 7.87 -6.82 -20.17
C PHE A 37 7.88 -5.70 -21.18
N ASP A 38 6.97 -5.76 -22.13
CA ASP A 38 6.86 -4.72 -23.19
C ASP A 38 5.37 -4.50 -23.42
N SER A 39 4.87 -3.30 -23.06
CA SER A 39 3.46 -2.84 -23.23
C SER A 39 2.96 -3.10 -24.66
N ASP A 40 3.85 -3.25 -25.64
CA ASP A 40 3.50 -3.40 -27.07
C ASP A 40 3.59 -4.87 -27.52
N ALA A 41 4.01 -5.81 -26.66
CA ALA A 41 3.98 -7.24 -27.04
C ALA A 41 2.57 -7.79 -26.82
N ALA A 42 2.28 -8.91 -27.47
CA ALA A 42 0.96 -9.60 -27.48
C ALA A 42 0.65 -10.17 -26.09
N SER A 43 1.65 -10.71 -25.37
CA SER A 43 1.42 -11.49 -24.13
C SER A 43 0.76 -10.61 -23.05
N GLN A 44 1.21 -9.36 -22.89
CA GLN A 44 0.84 -8.51 -21.72
C GLN A 44 1.18 -9.27 -20.43
N ARG A 45 2.29 -9.99 -20.45
CA ARG A 45 2.82 -10.79 -19.33
C ARG A 45 4.28 -10.47 -19.15
N MET A 46 4.76 -10.54 -17.92
CA MET A 46 6.20 -10.67 -17.65
C MET A 46 6.65 -11.97 -18.31
N GLU A 47 7.78 -11.97 -19.00
CA GLU A 47 8.21 -13.11 -19.83
C GLU A 47 9.61 -13.53 -19.45
N PRO A 48 9.91 -14.84 -19.51
CA PRO A 48 11.22 -15.36 -19.15
C PRO A 48 12.27 -15.05 -20.22
N ARG A 49 13.51 -14.78 -19.82
CA ARG A 49 14.63 -14.51 -20.77
C ARG A 49 15.88 -15.32 -20.39
N ALA A 50 15.78 -16.24 -19.43
CA ALA A 50 16.85 -17.16 -18.96
C ALA A 50 16.23 -18.51 -18.62
N PRO A 51 16.97 -19.63 -18.78
CA PRO A 51 16.37 -20.96 -18.71
C PRO A 51 15.85 -21.21 -17.30
N TRP A 52 16.64 -20.78 -16.31
CA TRP A 52 16.46 -21.07 -14.87
C TRP A 52 15.15 -20.46 -14.37
N ILE A 53 14.76 -19.27 -14.83
CA ILE A 53 13.55 -18.58 -14.29
C ILE A 53 12.27 -19.29 -14.77
N GLU A 54 12.33 -20.09 -15.84
CA GLU A 54 11.11 -20.79 -16.36
C GLU A 54 10.63 -21.85 -15.38
N GLN A 55 11.54 -22.40 -14.56
CA GLN A 55 11.25 -23.26 -13.37
C GLN A 55 10.23 -22.61 -12.41
N GLU A 56 10.10 -21.28 -12.35
CA GLU A 56 9.14 -20.66 -11.42
C GLU A 56 7.74 -21.02 -11.91
N GLY A 57 6.79 -21.22 -10.99
CA GLY A 57 5.41 -21.62 -11.29
C GLY A 57 4.47 -20.43 -11.49
N PRO A 58 3.18 -20.69 -11.75
CA PRO A 58 2.22 -19.63 -12.08
C PRO A 58 2.07 -18.54 -11.01
N GLU A 59 2.18 -18.89 -9.72
CA GLU A 59 2.12 -17.88 -8.63
C GLU A 59 3.17 -16.79 -8.90
N TYR A 60 4.40 -17.18 -9.25
CA TYR A 60 5.51 -16.23 -9.53
C TYR A 60 5.11 -15.31 -10.70
N TRP A 61 4.70 -15.87 -11.84
CA TRP A 61 4.44 -15.11 -13.09
C TRP A 61 3.25 -14.16 -12.95
N ASP A 62 2.20 -14.58 -12.23
CA ASP A 62 1.00 -13.78 -11.96
C ASP A 62 1.40 -12.58 -11.11
N GLY A 63 2.19 -12.82 -10.06
CA GLY A 63 2.61 -11.73 -9.15
C GLY A 63 3.49 -10.72 -9.88
N GLU A 64 4.48 -11.20 -10.62
CA GLU A 64 5.44 -10.33 -11.36
C GLU A 64 4.70 -9.55 -12.48
N THR A 65 3.73 -10.19 -13.15
CA THR A 65 2.93 -9.57 -14.23
C THR A 65 2.09 -8.47 -13.56
N ARG A 66 1.47 -8.78 -12.44
CA ARG A 66 0.62 -7.78 -11.72
C ARG A 66 1.51 -6.60 -11.31
N LYS A 67 2.69 -6.89 -10.76
CA LYS A 67 3.60 -5.84 -10.22
C LYS A 67 4.10 -4.98 -11.38
N VAL A 68 4.41 -5.59 -12.52
CA VAL A 68 5.02 -4.84 -13.65
C VAL A 68 3.97 -3.93 -14.30
N LYS A 69 2.74 -4.43 -14.45
CA LYS A 69 1.64 -3.62 -15.03
C LYS A 69 1.25 -2.51 -14.06
N ALA A 70 1.35 -2.76 -12.76
CA ALA A 70 1.12 -1.73 -11.73
C ALA A 70 2.19 -0.62 -11.86
N HIS A 71 3.46 -0.97 -12.08
CA HIS A 71 4.55 0.01 -12.31
C HIS A 71 4.20 0.86 -13.54
N SER A 72 3.80 0.23 -14.64
CA SER A 72 3.48 0.94 -15.91
C SER A 72 2.34 1.94 -15.68
N GLN A 73 1.30 1.59 -14.93
CA GLN A 73 0.20 2.54 -14.58
C GLN A 73 0.78 3.74 -13.80
N THR A 74 1.64 3.48 -12.81
CA THR A 74 2.25 4.56 -12.00
C THR A 74 3.06 5.49 -12.92
N HIS A 75 3.80 4.95 -13.90
CA HIS A 75 4.66 5.74 -14.81
C HIS A 75 3.79 6.48 -15.83
N ARG A 76 2.62 5.94 -16.18
CA ARG A 76 1.64 6.66 -17.04
C ARG A 76 1.29 7.98 -16.34
N VAL A 77 1.00 7.94 -15.04
CA VAL A 77 0.58 9.15 -14.28
C VAL A 77 1.81 10.04 -14.10
N ASP A 78 2.97 9.46 -13.83
CA ASP A 78 4.27 10.17 -13.67
C ASP A 78 4.57 11.04 -14.91
N LEU A 79 4.40 10.50 -16.12
CA LEU A 79 4.62 11.31 -17.36
C LEU A 79 3.77 12.60 -17.32
N GLY A 80 2.48 12.49 -16.99
CA GLY A 80 1.54 13.63 -16.82
C GLY A 80 1.98 14.62 -15.74
N THR A 81 2.38 14.12 -14.58
CA THR A 81 2.85 14.94 -13.44
C THR A 81 4.06 15.76 -13.89
N LEU A 82 5.05 15.11 -14.51
CA LEU A 82 6.32 15.77 -14.90
C LEU A 82 6.05 16.88 -15.93
N ARG A 83 5.11 16.69 -16.84
CA ARG A 83 4.65 17.72 -17.80
C ARG A 83 4.19 18.95 -17.01
N GLY A 84 3.44 18.73 -15.92
CA GLY A 84 2.96 19.80 -15.03
C GLY A 84 4.13 20.50 -14.38
N TYR A 85 5.07 19.74 -13.78
CA TYR A 85 6.25 20.26 -13.06
C TYR A 85 7.13 21.09 -14.00
N TYR A 86 7.22 20.73 -15.27
CA TYR A 86 8.14 21.41 -16.23
C TYR A 86 7.38 22.25 -17.25
N ASN A 87 6.06 22.37 -17.11
CA ASN A 87 5.22 23.22 -17.99
C ASN A 87 5.42 22.79 -19.43
N GLN A 88 5.20 21.51 -19.71
CA GLN A 88 5.34 20.93 -21.07
C GLN A 88 3.96 20.50 -21.57
N SER A 89 3.76 20.62 -22.87
CA SER A 89 2.51 20.25 -23.55
C SER A 89 2.58 18.76 -23.84
N GLU A 90 1.47 18.20 -24.31
CA GLU A 90 1.39 16.79 -24.72
C GLU A 90 1.95 16.56 -26.13
N ALA A 91 2.41 17.60 -26.86
CA ALA A 91 2.90 17.46 -28.24
C ALA A 91 4.28 16.80 -28.27
N GLY A 92 5.09 16.96 -27.23
CA GLY A 92 6.47 16.42 -27.20
C GLY A 92 6.47 15.01 -26.62
N SER A 93 7.37 14.15 -27.10
CA SER A 93 7.65 12.84 -26.48
C SER A 93 8.62 13.02 -25.32
N HIS A 94 8.33 12.46 -24.15
CA HIS A 94 9.21 12.55 -22.96
C HIS A 94 9.49 11.14 -22.45
N THR A 95 10.60 10.97 -21.75
CA THR A 95 11.10 9.66 -21.24
C THR A 95 11.28 9.72 -19.73
N VAL A 96 10.61 8.80 -19.01
CA VAL A 96 10.94 8.46 -17.60
C VAL A 96 11.74 7.15 -17.59
N GLN A 97 12.89 7.16 -16.91
CA GLN A 97 13.67 5.93 -16.66
C GLN A 97 13.70 5.72 -15.15
N ARG A 98 13.62 4.46 -14.75
CA ARG A 98 13.72 4.05 -13.33
C ARG A 98 14.59 2.79 -13.21
N MET A 99 15.41 2.72 -12.16
CA MET A 99 16.27 1.54 -11.90
C MET A 99 16.26 1.29 -10.39
N TYR A 100 16.21 0.04 -9.99
CA TYR A 100 16.36 -0.35 -8.57
C TYR A 100 16.98 -1.74 -8.52
N GLY A 101 17.47 -2.09 -7.34
CA GLY A 101 18.09 -3.38 -7.04
C GLY A 101 19.01 -3.31 -5.84
N CYS A 102 19.67 -4.43 -5.64
CA CYS A 102 20.56 -4.69 -4.50
C CYS A 102 21.81 -5.40 -4.99
N ASP A 103 22.91 -5.20 -4.24
CA ASP A 103 24.20 -5.93 -4.34
C ASP A 103 24.41 -6.77 -3.08
N VAL A 104 24.96 -7.96 -3.28
CA VAL A 104 25.39 -8.84 -2.16
C VAL A 104 26.86 -9.23 -2.35
N GLY A 105 27.54 -9.52 -1.25
CA GLY A 105 28.91 -10.03 -1.24
C GLY A 105 28.98 -11.52 -1.56
N SER A 106 30.17 -12.09 -1.43
CA SER A 106 30.44 -13.53 -1.67
C SER A 106 29.66 -14.39 -0.67
N ASP A 107 29.35 -13.83 0.49
CA ASP A 107 28.57 -14.51 1.56
C ASP A 107 27.08 -14.31 1.29
N TRP A 108 26.71 -13.61 0.20
CA TRP A 108 25.31 -13.29 -0.17
C TRP A 108 24.63 -12.37 0.87
N ARG A 109 25.39 -11.61 1.65
CA ARG A 109 24.86 -10.58 2.58
C ARG A 109 24.80 -9.24 1.84
N PHE A 110 23.80 -8.43 2.19
CA PHE A 110 23.54 -7.11 1.58
C PHE A 110 24.79 -6.23 1.65
N LEU A 111 25.15 -5.58 0.52
CA LEU A 111 26.22 -4.56 0.40
C LEU A 111 25.57 -3.19 0.27
N ARG A 112 24.64 -3.06 -0.69
CA ARG A 112 23.98 -1.75 -0.92
C ARG A 112 22.75 -1.91 -1.82
N GLY A 113 21.91 -0.88 -1.85
CA GLY A 113 20.66 -0.81 -2.62
C GLY A 113 20.67 0.37 -3.54
N TYR A 114 19.78 0.37 -4.51
CA TYR A 114 19.62 1.46 -5.50
C TYR A 114 18.14 1.66 -5.79
N HIS A 115 17.75 2.92 -5.94
CA HIS A 115 16.43 3.36 -6.47
C HIS A 115 16.63 4.75 -7.05
N GLN A 116 16.63 4.87 -8.38
CA GLN A 116 16.85 6.19 -9.03
C GLN A 116 15.98 6.36 -10.26
N TYR A 117 15.64 7.62 -10.55
CA TYR A 117 14.88 8.03 -11.74
C TYR A 117 15.64 9.09 -12.53
N ALA A 118 15.35 9.13 -13.82
CA ALA A 118 15.77 10.16 -14.79
C ALA A 118 14.56 10.61 -15.60
N TYR A 119 14.61 11.88 -16.03
CA TYR A 119 13.59 12.48 -16.90
C TYR A 119 14.36 13.04 -18.09
N ASP A 120 13.98 12.63 -19.31
CA ASP A 120 14.60 13.06 -20.58
C ASP A 120 16.13 12.97 -20.43
N GLY A 121 16.62 11.90 -19.82
CA GLY A 121 18.03 11.49 -19.85
C GLY A 121 18.86 12.19 -18.80
N LYS A 122 18.22 12.98 -17.92
CA LYS A 122 18.91 13.63 -16.78
C LYS A 122 18.43 13.02 -15.48
N ASP A 123 19.36 12.86 -14.53
CA ASP A 123 19.07 12.59 -13.10
C ASP A 123 17.87 13.40 -12.64
N TYR A 124 16.89 12.75 -12.00
CA TYR A 124 15.70 13.40 -11.38
C TYR A 124 15.79 13.29 -9.86
N ILE A 125 15.70 12.06 -9.34
CA ILE A 125 15.72 11.74 -7.88
C ILE A 125 16.37 10.38 -7.66
N ALA A 126 17.15 10.25 -6.59
CA ALA A 126 17.77 8.97 -6.20
C ALA A 126 17.70 8.81 -4.69
N LEU A 127 17.52 7.58 -4.23
CA LEU A 127 17.80 7.20 -2.81
C LEU A 127 19.31 7.24 -2.62
N LYS A 128 19.77 7.95 -1.61
CA LYS A 128 21.21 8.01 -1.23
C LYS A 128 21.66 6.63 -0.75
N GLU A 129 22.97 6.41 -0.71
CA GLU A 129 23.57 5.10 -0.39
C GLU A 129 23.11 4.66 1.02
N ASP A 130 22.84 5.60 1.94
CA ASP A 130 22.43 5.28 3.33
C ASP A 130 20.96 4.81 3.42
N LEU A 131 20.19 4.83 2.32
CA LEU A 131 18.82 4.25 2.22
C LEU A 131 17.82 5.03 3.07
N ARG A 132 18.15 6.26 3.46
CA ARG A 132 17.35 7.01 4.47
C ARG A 132 16.97 8.39 3.95
N SER A 133 17.64 8.87 2.90
CA SER A 133 17.48 10.28 2.44
C SER A 133 17.52 10.29 0.91
N TRP A 134 17.03 11.37 0.30
CA TRP A 134 16.88 11.52 -1.18
C TRP A 134 17.82 12.59 -1.73
N THR A 135 18.39 12.35 -2.92
CA THR A 135 19.05 13.38 -3.77
C THR A 135 18.04 13.80 -4.84
N ALA A 136 17.59 15.05 -4.76
CA ALA A 136 16.73 15.71 -5.76
C ALA A 136 17.63 16.53 -6.67
N ALA A 137 17.62 16.24 -7.97
CA ALA A 137 18.47 16.87 -9.00
C ALA A 137 18.05 18.34 -9.26
N ASP A 138 16.77 18.70 -9.08
CA ASP A 138 16.27 20.06 -9.46
C ASP A 138 15.04 20.38 -8.61
N MET A 139 14.36 21.50 -8.87
CA MET A 139 13.19 21.97 -8.09
C MET A 139 11.96 21.08 -8.34
N ALA A 140 11.79 20.54 -9.54
CA ALA A 140 10.70 19.58 -9.80
C ALA A 140 10.90 18.38 -8.85
N ALA A 141 12.11 17.81 -8.81
CA ALA A 141 12.42 16.61 -8.00
C ALA A 141 12.29 16.94 -6.51
N GLN A 142 12.44 18.21 -6.11
CA GLN A 142 12.28 18.67 -4.71
C GLN A 142 10.82 18.48 -4.26
N THR A 143 9.86 18.80 -5.14
CA THR A 143 8.41 18.52 -4.97
C THR A 143 8.18 17.03 -4.70
N THR A 144 8.75 16.13 -5.51
CA THR A 144 8.69 14.68 -5.27
C THR A 144 9.29 14.34 -3.91
N LYS A 145 10.52 14.78 -3.65
CA LYS A 145 11.23 14.56 -2.36
C LYS A 145 10.33 14.91 -1.16
N HIS A 146 9.67 16.06 -1.15
CA HIS A 146 8.83 16.51 0.00
C HIS A 146 7.65 15.57 0.15
N LYS A 147 7.04 15.13 -0.96
CA LYS A 147 5.92 14.15 -0.94
C LYS A 147 6.39 12.84 -0.30
N TRP A 148 7.58 12.40 -0.68
CA TRP A 148 8.15 11.08 -0.27
C TRP A 148 8.62 11.12 1.18
N GLU A 149 9.13 12.26 1.61
CA GLU A 149 9.51 12.48 3.02
C GLU A 149 8.25 12.48 3.88
N ALA A 150 7.22 13.20 3.46
CA ALA A 150 5.94 13.34 4.20
C ALA A 150 5.30 11.96 4.32
N ALA A 151 5.38 11.10 3.30
CA ALA A 151 4.74 9.76 3.33
C ALA A 151 5.70 8.68 3.87
N HIS A 152 6.91 9.01 4.31
CA HIS A 152 7.89 8.02 4.84
C HIS A 152 8.13 6.89 3.82
N VAL A 153 8.33 7.26 2.55
CA VAL A 153 8.47 6.27 1.44
C VAL A 153 9.74 5.44 1.65
N ALA A 154 10.82 6.05 2.16
CA ALA A 154 12.16 5.44 2.28
C ALA A 154 12.13 4.17 3.14
N GLU A 155 11.31 4.17 4.20
CA GLU A 155 11.16 3.02 5.13
C GLU A 155 10.71 1.75 4.36
N GLN A 156 9.60 1.83 3.62
CA GLN A 156 9.06 0.68 2.83
C GLN A 156 10.04 0.30 1.71
N LEU A 157 10.64 1.27 1.01
CA LEU A 157 11.63 1.00 -0.05
C LEU A 157 12.86 0.29 0.53
N ARG A 158 13.36 0.75 1.68
CA ARG A 158 14.54 0.14 2.37
C ARG A 158 14.21 -1.32 2.74
N ALA A 159 12.99 -1.61 3.19
CA ALA A 159 12.55 -2.98 3.53
C ALA A 159 12.72 -3.89 2.30
N TYR A 160 12.38 -3.39 1.11
CA TYR A 160 12.56 -4.16 -0.14
C TYR A 160 14.08 -4.32 -0.40
N LEU A 161 14.83 -3.23 -0.47
CA LEU A 161 16.23 -3.24 -0.97
C LEU A 161 17.12 -4.12 -0.08
N GLU A 162 16.97 -4.05 1.26
CA GLU A 162 17.79 -4.79 2.26
C GLU A 162 17.24 -6.18 2.50
N GLY A 163 15.95 -6.39 2.25
CA GLY A 163 15.22 -7.61 2.65
C GLY A 163 14.81 -8.45 1.45
N THR A 164 13.67 -8.14 0.88
CA THR A 164 13.00 -8.89 -0.23
C THR A 164 13.95 -9.04 -1.44
N CYS A 165 14.56 -7.92 -1.85
CA CYS A 165 15.47 -7.86 -3.02
C CYS A 165 16.58 -8.91 -2.84
N VAL A 166 17.17 -8.95 -1.65
CA VAL A 166 18.28 -9.87 -1.28
C VAL A 166 17.77 -11.32 -1.28
N GLU A 167 16.56 -11.54 -0.76
CA GLU A 167 15.93 -12.90 -0.74
C GLU A 167 15.70 -13.38 -2.17
N TRP A 168 15.14 -12.56 -3.06
CA TRP A 168 14.97 -12.94 -4.48
C TRP A 168 16.31 -13.28 -5.11
N LEU A 169 17.36 -12.48 -4.88
CA LEU A 169 18.68 -12.67 -5.53
C LEU A 169 19.27 -14.03 -5.10
N ARG A 170 19.26 -14.33 -3.81
CA ARG A 170 19.70 -15.65 -3.26
C ARG A 170 18.91 -16.81 -3.90
N ARG A 171 17.59 -16.69 -3.97
CA ARG A 171 16.74 -17.70 -4.64
C ARG A 171 17.23 -17.93 -6.07
N TYR A 172 17.43 -16.85 -6.84
CA TYR A 172 17.86 -16.93 -8.26
C TYR A 172 19.28 -17.52 -8.33
N LEU A 173 20.21 -17.06 -7.48
CA LEU A 173 21.62 -17.55 -7.50
C LEU A 173 21.66 -19.07 -7.24
N GLU A 174 20.83 -19.59 -6.33
CA GLU A 174 20.82 -21.04 -6.04
C GLU A 174 20.23 -21.79 -7.26
N ASN A 175 18.99 -21.47 -7.67
CA ASN A 175 18.24 -22.12 -8.78
C ASN A 175 18.89 -21.91 -10.16
N GLY A 176 19.60 -20.79 -10.37
CA GLY A 176 20.25 -20.48 -11.65
C GLY A 176 21.75 -20.71 -11.55
N LYS A 177 22.21 -21.51 -10.59
CA LYS A 177 23.66 -21.55 -10.23
C LYS A 177 24.51 -21.89 -11.45
N GLU A 178 24.10 -22.87 -12.29
CA GLU A 178 24.89 -23.33 -13.48
C GLU A 178 25.36 -22.13 -14.30
N THR A 179 24.45 -21.20 -14.59
CA THR A 179 24.65 -20.08 -15.53
C THR A 179 25.08 -18.82 -14.75
N LEU A 180 24.68 -18.65 -13.49
CA LEU A 180 24.95 -17.38 -12.73
C LEU A 180 26.25 -17.47 -11.92
N GLN A 181 26.57 -18.64 -11.37
CA GLN A 181 27.74 -18.83 -10.48
C GLN A 181 28.89 -19.40 -11.31
N ARG A 182 29.18 -18.78 -12.44
CA ARG A 182 30.20 -19.20 -13.41
C ARG A 182 31.05 -17.99 -13.80
N THR A 183 32.30 -18.26 -14.18
CA THR A 183 33.18 -17.34 -14.95
C THR A 183 33.56 -18.02 -16.26
N ASP A 184 33.42 -17.32 -17.38
CA ASP A 184 34.01 -17.67 -18.70
C ASP A 184 35.24 -16.78 -18.89
N ALA A 185 36.43 -17.37 -18.80
CA ALA A 185 37.72 -16.68 -19.01
C ALA A 185 37.72 -16.09 -20.42
N PRO A 186 38.22 -14.86 -20.61
CA PRO A 186 38.44 -14.34 -21.95
C PRO A 186 39.44 -15.20 -22.74
N LYS A 187 39.05 -15.57 -23.97
CA LYS A 187 39.96 -16.02 -25.05
C LYS A 187 40.56 -14.78 -25.72
N THR A 188 41.82 -14.48 -25.42
CA THR A 188 42.56 -13.29 -25.93
C THR A 188 43.29 -13.62 -27.24
N HIS A 189 43.47 -12.60 -28.10
CA HIS A 189 44.30 -12.67 -29.33
C HIS A 189 44.62 -11.24 -29.76
N MET A 190 45.45 -11.07 -30.79
CA MET A 190 45.93 -9.75 -31.25
C MET A 190 45.88 -9.68 -32.78
N THR A 191 45.55 -8.50 -33.32
CA THR A 191 45.62 -8.19 -34.77
C THR A 191 46.56 -7.00 -34.98
N HIS A 192 47.06 -6.87 -36.21
CA HIS A 192 48.04 -5.84 -36.65
C HIS A 192 47.53 -5.19 -37.94
N HIS A 193 47.54 -3.86 -37.99
CA HIS A 193 47.08 -3.05 -39.17
C HIS A 193 48.01 -1.85 -39.34
N ALA A 194 48.80 -1.80 -40.42
CA ALA A 194 49.59 -0.62 -40.84
C ALA A 194 48.62 0.52 -41.16
N VAL A 195 48.65 1.60 -40.37
CA VAL A 195 47.98 2.89 -40.66
C VAL A 195 48.78 3.61 -41.77
N SER A 196 50.11 3.61 -41.66
CA SER A 196 51.08 4.33 -42.53
C SER A 196 52.30 3.46 -42.81
N ASP A 197 53.38 4.09 -43.28
CA ASP A 197 54.71 3.48 -43.56
C ASP A 197 55.61 3.66 -42.34
N HIS A 198 55.18 4.46 -41.36
CA HIS A 198 55.93 4.82 -40.13
C HIS A 198 55.20 4.37 -38.86
N GLU A 199 53.95 3.88 -38.98
CA GLU A 199 53.11 3.54 -37.79
C GLU A 199 52.03 2.51 -38.16
N ALA A 200 51.72 1.63 -37.19
CA ALA A 200 50.73 0.53 -37.27
C ALA A 200 49.78 0.57 -36.06
N THR A 201 48.70 -0.19 -36.13
CA THR A 201 47.70 -0.33 -35.05
C THR A 201 47.81 -1.74 -34.47
N LEU A 202 47.99 -1.82 -33.15
CA LEU A 202 47.91 -3.07 -32.35
C LEU A 202 46.58 -3.09 -31.60
N ARG A 203 45.76 -4.11 -31.86
CA ARG A 203 44.43 -4.27 -31.25
C ARG A 203 44.41 -5.56 -30.42
N CYS A 204 44.16 -5.40 -29.12
CA CYS A 204 44.14 -6.48 -28.11
C CYS A 204 42.70 -6.94 -27.88
N TRP A 205 42.41 -8.20 -28.22
CA TRP A 205 41.05 -8.81 -28.21
C TRP A 205 40.85 -9.67 -26.96
N ALA A 206 39.69 -9.52 -26.31
CA ALA A 206 39.13 -10.48 -25.33
C ALA A 206 37.73 -10.87 -25.79
N LEU A 207 37.47 -12.16 -26.02
CA LEU A 207 36.18 -12.70 -26.50
C LEU A 207 35.63 -13.75 -25.54
N SER A 208 34.34 -14.05 -25.64
CA SER A 208 33.64 -15.16 -24.95
C SER A 208 33.81 -15.10 -23.42
N PHE A 209 33.85 -13.91 -22.83
CA PHE A 209 34.02 -13.79 -21.37
C PHE A 209 32.65 -13.52 -20.71
N TYR A 210 32.58 -13.89 -19.42
CA TYR A 210 31.45 -13.69 -18.50
C TYR A 210 32.02 -13.73 -17.09
N PRO A 211 31.69 -12.78 -16.19
CA PRO A 211 30.81 -11.65 -16.49
C PRO A 211 31.49 -10.56 -17.34
N ALA A 212 30.80 -9.45 -17.55
CA ALA A 212 31.22 -8.38 -18.49
C ALA A 212 32.43 -7.62 -17.92
N GLU A 213 32.54 -7.47 -16.61
CA GLU A 213 33.63 -6.68 -15.97
C GLU A 213 34.98 -7.20 -16.49
N ILE A 214 35.80 -6.32 -17.07
CA ILE A 214 37.15 -6.69 -17.60
C ILE A 214 38.02 -5.43 -17.64
N THR A 215 39.32 -5.60 -17.57
CA THR A 215 40.31 -4.50 -17.72
C THR A 215 41.33 -4.91 -18.79
N LEU A 216 41.26 -4.25 -19.96
CA LEU A 216 42.32 -4.29 -21.00
C LEU A 216 43.22 -3.07 -20.79
N THR A 217 44.53 -3.30 -20.61
CA THR A 217 45.56 -2.24 -20.47
C THR A 217 46.68 -2.50 -21.49
N TRP A 218 47.16 -1.43 -22.12
CA TRP A 218 48.34 -1.43 -23.04
C TRP A 218 49.51 -0.79 -22.29
N GLN A 219 50.67 -1.46 -22.29
CA GLN A 219 51.92 -0.86 -21.77
C GLN A 219 52.96 -0.79 -22.90
N ARG A 220 53.65 0.35 -22.99
CA ARG A 220 54.86 0.59 -23.83
C ARG A 220 56.04 0.73 -22.86
N ASP A 221 56.85 -0.33 -22.73
CA ASP A 221 58.01 -0.40 -21.79
C ASP A 221 57.51 -0.21 -20.34
N GLY A 222 56.40 -0.85 -19.97
CA GLY A 222 55.95 -0.99 -18.57
C GLY A 222 55.22 0.22 -17.99
N GLU A 223 54.81 1.21 -18.80
CA GLU A 223 53.97 2.35 -18.34
C GLU A 223 52.66 2.33 -19.14
N ASP A 224 51.51 2.38 -18.45
CA ASP A 224 50.18 2.26 -19.10
C ASP A 224 49.99 3.45 -20.05
N GLN A 225 49.48 3.18 -21.25
CA GLN A 225 49.26 4.16 -22.33
C GLN A 225 47.86 4.78 -22.20
N THR A 226 47.54 5.32 -21.02
CA THR A 226 46.19 5.82 -20.66
C THR A 226 45.78 6.92 -21.68
N GLN A 227 46.76 7.66 -22.21
CA GLN A 227 46.58 8.76 -23.19
C GLN A 227 46.14 8.18 -24.54
N ASP A 228 46.83 7.16 -25.07
CA ASP A 228 46.85 6.84 -26.52
C ASP A 228 46.04 5.58 -26.86
N THR A 229 45.46 4.89 -25.87
CA THR A 229 44.66 3.65 -26.09
C THR A 229 43.21 4.00 -26.47
N GLU A 230 42.70 3.46 -27.57
CA GLU A 230 41.22 3.44 -27.79
C GLU A 230 40.68 2.11 -27.24
N LEU A 231 39.62 2.23 -26.45
CA LEU A 231 38.98 1.13 -25.70
C LEU A 231 37.49 1.12 -26.08
N VAL A 232 37.03 0.20 -26.94
CA VAL A 232 35.59 0.15 -27.30
C VAL A 232 34.80 -0.29 -26.06
N GLU A 233 33.53 0.13 -26.05
CA GLU A 233 32.52 -0.33 -25.08
C GLU A 233 32.43 -1.86 -25.14
N THR A 234 32.43 -2.51 -23.98
CA THR A 234 32.14 -3.97 -23.82
C THR A 234 30.80 -4.25 -24.50
N ARG A 235 30.74 -5.30 -25.33
CA ARG A 235 29.55 -5.55 -26.18
C ARG A 235 29.13 -7.00 -26.04
N PRO A 236 27.82 -7.28 -26.09
CA PRO A 236 27.33 -8.65 -25.97
C PRO A 236 27.59 -9.44 -27.26
N ALA A 237 28.01 -10.70 -27.13
CA ALA A 237 28.19 -11.63 -28.28
C ALA A 237 26.82 -12.11 -28.75
N GLY A 238 25.86 -12.21 -27.81
CA GLY A 238 24.48 -12.64 -28.07
C GLY A 238 24.24 -14.06 -27.61
N ASP A 239 25.28 -14.72 -27.09
CA ASP A 239 25.24 -16.10 -26.56
C ASP A 239 25.33 -16.11 -25.02
N GLY A 240 25.27 -14.94 -24.39
CA GLY A 240 25.43 -14.78 -22.93
C GLY A 240 26.86 -14.46 -22.55
N THR A 241 27.73 -14.19 -23.52
CA THR A 241 29.14 -13.76 -23.24
C THR A 241 29.38 -12.36 -23.81
N PHE A 242 30.56 -11.81 -23.54
CA PHE A 242 30.96 -10.43 -23.90
C PHE A 242 32.26 -10.43 -24.69
N GLN A 243 32.47 -9.33 -25.40
CA GLN A 243 33.67 -9.03 -26.22
C GLN A 243 34.15 -7.62 -25.89
N LYS A 244 35.44 -7.40 -26.02
CA LYS A 244 36.02 -6.06 -25.88
C LYS A 244 37.37 -6.06 -26.60
N TRP A 245 37.80 -4.88 -27.07
CA TRP A 245 39.18 -4.72 -27.59
C TRP A 245 39.73 -3.38 -27.12
N ALA A 246 41.06 -3.30 -27.05
CA ALA A 246 41.83 -2.06 -26.80
C ALA A 246 42.91 -1.92 -27.87
N ALA A 247 43.06 -0.72 -28.46
CA ALA A 247 44.01 -0.48 -29.57
C ALA A 247 44.99 0.64 -29.21
N VAL A 248 46.23 0.49 -29.68
CA VAL A 248 47.29 1.55 -29.72
C VAL A 248 47.84 1.63 -31.15
N VAL A 249 48.16 2.85 -31.59
CA VAL A 249 48.95 3.10 -32.83
C VAL A 249 50.42 3.14 -32.40
N VAL A 250 51.24 2.23 -32.91
CA VAL A 250 52.66 2.10 -32.49
C VAL A 250 53.56 2.46 -33.67
N PRO A 251 54.82 2.91 -33.43
CA PRO A 251 55.77 3.14 -34.53
C PRO A 251 56.20 1.81 -35.15
N SER A 252 55.93 1.60 -36.45
CA SER A 252 56.15 0.33 -37.19
C SER A 252 57.56 -0.22 -36.91
N GLY A 253 57.68 -1.52 -36.66
CA GLY A 253 58.93 -2.20 -36.23
C GLY A 253 59.20 -2.10 -34.73
N GLN A 254 58.40 -1.34 -33.98
CA GLN A 254 58.46 -1.26 -32.48
C GLN A 254 57.15 -1.80 -31.88
N GLU A 255 56.58 -2.84 -32.51
CA GLU A 255 55.41 -3.62 -32.03
C GLU A 255 55.82 -4.54 -30.86
N GLN A 256 57.07 -5.02 -30.86
CA GLN A 256 57.72 -5.77 -29.75
C GLN A 256 57.59 -4.99 -28.43
N ARG A 257 57.70 -3.66 -28.47
CA ARG A 257 57.90 -2.79 -27.29
C ARG A 257 56.61 -2.50 -26.52
N TYR A 258 55.46 -3.05 -26.98
CA TYR A 258 54.12 -2.81 -26.37
C TYR A 258 53.55 -4.13 -25.85
N THR A 259 53.01 -4.11 -24.62
CA THR A 259 52.32 -5.27 -23.97
C THR A 259 50.86 -4.90 -23.68
N CYS A 260 49.95 -5.85 -23.97
CA CYS A 260 48.50 -5.80 -23.57
C CYS A 260 48.27 -6.71 -22.36
N HIS A 261 47.78 -6.14 -21.25
CA HIS A 261 47.47 -6.86 -19.98
C HIS A 261 45.95 -7.00 -19.85
N VAL A 262 45.47 -8.24 -19.69
CA VAL A 262 44.03 -8.60 -19.51
C VAL A 262 43.80 -9.07 -18.07
N GLN A 263 42.88 -8.44 -17.35
CA GLN A 263 42.42 -8.86 -16.01
C GLN A 263 40.92 -9.18 -16.05
N HIS A 264 40.54 -10.32 -15.46
CA HIS A 264 39.15 -10.82 -15.39
C HIS A 264 39.04 -11.88 -14.28
N GLU A 265 37.94 -11.83 -13.50
CA GLU A 265 37.58 -12.78 -12.42
C GLU A 265 37.90 -14.23 -12.85
N GLY A 266 37.56 -14.63 -14.07
CA GLY A 266 37.83 -15.98 -14.62
C GLY A 266 39.31 -16.30 -14.82
N LEU A 267 40.23 -15.33 -14.66
CA LEU A 267 41.68 -15.52 -14.92
C LEU A 267 42.41 -15.76 -13.59
N PRO A 268 43.05 -16.94 -13.40
CA PRO A 268 43.81 -17.21 -12.19
C PRO A 268 45.01 -16.25 -12.11
N LYS A 269 45.65 -16.03 -13.25
CA LYS A 269 46.80 -15.11 -13.45
C LYS A 269 46.37 -14.09 -14.52
N PRO A 270 46.49 -12.77 -14.25
CA PRO A 270 46.37 -11.76 -15.29
C PRO A 270 47.19 -12.16 -16.54
N LEU A 271 46.59 -12.05 -17.72
CA LEU A 271 47.22 -12.43 -19.01
C LEU A 271 48.02 -11.25 -19.56
N THR A 272 48.81 -11.51 -20.61
CA THR A 272 49.79 -10.56 -21.24
C THR A 272 50.07 -11.01 -22.67
N LEU A 273 49.82 -10.15 -23.66
CA LEU A 273 50.05 -10.48 -25.09
C LEU A 273 51.12 -9.55 -25.69
N ARG A 274 51.76 -10.03 -26.75
CA ARG A 274 52.72 -9.31 -27.65
C ARG A 274 52.50 -9.86 -29.08
N TRP A 275 52.92 -9.12 -30.11
CA TRP A 275 52.59 -9.44 -31.54
C TRP A 275 53.48 -10.58 -32.07
N GLU A 276 52.89 -11.47 -32.88
CA GLU A 276 53.53 -12.64 -33.56
C GLU A 276 53.37 -12.52 -35.08
N PRO A 277 54.41 -12.09 -35.84
CA PRO A 277 54.37 -12.08 -37.31
C PRO A 277 55.24 -13.12 -38.02
N ILE B 2 18.27 16.30 -22.58
CA ILE B 2 19.55 16.10 -23.30
C ILE B 2 19.38 15.05 -24.39
N GLN B 3 20.24 15.11 -25.41
CA GLN B 3 20.31 14.12 -26.51
C GLN B 3 21.74 13.58 -26.59
N ARG B 4 21.88 12.32 -26.95
CA ARG B 4 23.20 11.64 -27.10
C ARG B 4 23.16 10.84 -28.40
N THR B 5 24.21 10.92 -29.20
CA THR B 5 24.30 10.22 -30.50
C THR B 5 24.76 8.79 -30.26
N PRO B 6 24.22 7.80 -31.00
CA PRO B 6 24.57 6.40 -30.78
C PRO B 6 26.02 6.07 -31.17
N LYS B 7 26.72 5.31 -30.32
CA LYS B 7 27.95 4.57 -30.69
C LYS B 7 27.49 3.30 -31.40
N ILE B 8 28.19 2.87 -32.45
CA ILE B 8 27.75 1.74 -33.32
C ILE B 8 28.90 0.75 -33.45
N GLN B 9 28.65 -0.52 -33.18
CA GLN B 9 29.63 -1.60 -33.42
C GLN B 9 28.96 -2.69 -34.26
N VAL B 10 29.61 -3.10 -35.34
CA VAL B 10 29.17 -4.22 -36.22
C VAL B 10 30.23 -5.31 -36.13
N TYR B 11 29.80 -6.55 -35.90
CA TYR B 11 30.70 -7.69 -35.58
C TYR B 11 29.89 -8.98 -35.54
N SER B 12 30.59 -10.10 -35.68
CA SER B 12 29.98 -11.45 -35.64
C SER B 12 30.06 -12.01 -34.21
N ARG B 13 29.09 -12.82 -33.82
CA ARG B 13 29.10 -13.52 -32.51
C ARG B 13 30.43 -14.25 -32.32
N HIS B 14 30.81 -15.09 -33.30
CA HIS B 14 32.03 -15.94 -33.30
C HIS B 14 32.99 -15.40 -34.35
N PRO B 15 34.31 -15.70 -34.26
CA PRO B 15 35.23 -15.38 -35.35
C PRO B 15 34.69 -15.94 -36.68
N ALA B 16 34.74 -15.15 -37.73
CA ALA B 16 34.13 -15.44 -39.04
C ALA B 16 35.03 -16.40 -39.84
N GLU B 17 34.52 -17.60 -40.16
CA GLU B 17 35.07 -18.54 -41.16
C GLU B 17 34.05 -18.64 -42.29
N ASN B 18 34.43 -18.22 -43.51
CA ASN B 18 33.55 -18.25 -44.71
C ASN B 18 32.87 -19.62 -44.79
N GLY B 19 31.54 -19.65 -44.98
CA GLY B 19 30.74 -20.88 -45.09
C GLY B 19 30.22 -21.36 -43.75
N LYS B 20 30.87 -21.01 -42.63
CA LYS B 20 30.46 -21.44 -41.27
C LYS B 20 29.32 -20.52 -40.78
N SER B 21 28.14 -21.07 -40.52
CA SER B 21 26.94 -20.35 -40.01
C SER B 21 27.29 -19.58 -38.72
N ASN B 22 26.87 -18.32 -38.61
CA ASN B 22 27.27 -17.38 -37.53
C ASN B 22 26.12 -16.40 -37.23
N PHE B 23 26.35 -15.39 -36.40
CA PHE B 23 25.38 -14.29 -36.12
C PHE B 23 26.08 -12.96 -36.41
N LEU B 24 25.38 -12.09 -37.16
CA LEU B 24 25.81 -10.69 -37.42
C LEU B 24 25.17 -9.76 -36.40
N ASN B 25 25.99 -8.99 -35.68
CA ASN B 25 25.56 -8.09 -34.58
C ASN B 25 25.79 -6.63 -34.96
N CYS B 26 24.79 -5.79 -34.67
CA CYS B 26 24.95 -4.32 -34.58
C CYS B 26 24.58 -3.88 -33.16
N TYR B 27 25.57 -3.53 -32.36
CA TYR B 27 25.36 -3.01 -30.99
C TYR B 27 25.35 -1.49 -31.05
N VAL B 28 24.19 -0.89 -30.79
CA VAL B 28 24.04 0.58 -30.63
C VAL B 28 23.91 0.89 -29.14
N SER B 29 24.71 1.83 -28.63
CA SER B 29 24.76 2.19 -27.21
C SER B 29 25.04 3.69 -27.04
N GLY B 30 24.80 4.21 -25.84
CA GLY B 30 25.15 5.58 -25.46
C GLY B 30 24.18 6.59 -26.03
N PHE B 31 22.98 6.19 -26.44
CA PHE B 31 22.10 7.12 -27.17
C PHE B 31 20.93 7.55 -26.30
N HIS B 32 20.33 8.70 -26.66
CA HIS B 32 19.16 9.32 -26.00
C HIS B 32 18.55 10.37 -26.92
N PRO B 33 17.24 10.34 -27.22
CA PRO B 33 16.27 9.41 -26.64
C PRO B 33 16.30 8.02 -27.29
N SER B 34 15.37 7.14 -26.91
CA SER B 34 15.35 5.69 -27.24
C SER B 34 14.91 5.44 -28.68
N ASP B 35 14.13 6.35 -29.25
CA ASP B 35 13.63 6.23 -30.65
C ASP B 35 14.84 6.13 -31.59
N ILE B 36 15.01 5.01 -32.28
CA ILE B 36 16.22 4.77 -33.12
C ILE B 36 15.80 3.84 -34.26
N GLU B 37 16.39 4.04 -35.43
CA GLU B 37 16.14 3.19 -36.63
C GLU B 37 17.45 2.47 -36.94
N VAL B 38 17.41 1.14 -36.93
CA VAL B 38 18.61 0.28 -37.10
C VAL B 38 18.24 -0.78 -38.12
N ASP B 39 18.99 -0.86 -39.23
CA ASP B 39 18.85 -1.90 -40.28
C ASP B 39 20.22 -2.52 -40.54
N LEU B 40 20.24 -3.85 -40.64
CA LEU B 40 21.40 -4.61 -41.18
C LEU B 40 21.32 -4.66 -42.71
N LEU B 41 22.43 -4.43 -43.39
CA LEU B 41 22.52 -4.40 -44.87
C LEU B 41 23.44 -5.52 -45.37
N LYS B 42 23.01 -6.19 -46.44
CA LYS B 42 23.81 -7.15 -47.25
C LYS B 42 24.02 -6.53 -48.64
N ASN B 43 25.24 -6.08 -48.93
CA ASN B 43 25.59 -5.26 -50.13
C ASN B 43 24.56 -4.13 -50.28
N GLY B 44 24.32 -3.39 -49.19
CA GLY B 44 23.40 -2.23 -49.17
C GLY B 44 21.93 -2.60 -49.19
N GLU B 45 21.58 -3.89 -49.24
CA GLU B 45 20.16 -4.35 -49.22
C GLU B 45 19.77 -4.68 -47.77
N ARG B 46 18.59 -4.18 -47.36
CA ARG B 46 17.98 -4.29 -46.01
C ARG B 46 17.59 -5.75 -45.72
N ILE B 47 18.25 -6.39 -44.77
CA ILE B 47 17.92 -7.77 -44.28
C ILE B 47 16.61 -7.66 -43.49
N GLU B 48 15.67 -8.58 -43.71
CA GLU B 48 14.25 -8.42 -43.27
C GLU B 48 14.00 -9.17 -41.96
N LYS B 49 14.77 -10.21 -41.65
CA LYS B 49 14.54 -11.09 -40.47
C LYS B 49 15.55 -10.72 -39.38
N VAL B 50 15.48 -9.49 -38.86
CA VAL B 50 16.44 -8.94 -37.86
C VAL B 50 15.73 -8.90 -36.50
N GLU B 51 16.36 -9.47 -35.48
CA GLU B 51 15.87 -9.43 -34.09
C GLU B 51 16.64 -8.33 -33.36
N HIS B 52 16.10 -7.86 -32.25
CA HIS B 52 16.78 -6.92 -31.32
C HIS B 52 16.43 -7.25 -29.88
N SER B 53 17.40 -7.03 -28.99
CA SER B 53 17.30 -7.15 -27.51
C SER B 53 16.19 -6.23 -26.99
N ASP B 54 15.85 -6.39 -25.72
CA ASP B 54 14.91 -5.55 -24.92
C ASP B 54 15.62 -4.24 -24.53
N LEU B 55 14.99 -3.09 -24.77
CA LEU B 55 15.60 -1.76 -24.45
C LEU B 55 16.07 -1.78 -22.99
N SER B 56 17.35 -1.54 -22.77
CA SER B 56 17.92 -1.35 -21.42
C SER B 56 18.80 -0.10 -21.46
N PHE B 57 19.46 0.22 -20.35
CA PHE B 57 20.30 1.43 -20.25
C PHE B 57 21.40 1.27 -19.20
N SER B 58 22.45 2.09 -19.34
CA SER B 58 23.67 2.13 -18.52
C SER B 58 23.48 3.09 -17.34
N LYS B 59 24.51 3.21 -16.50
CA LYS B 59 24.54 4.05 -15.28
C LYS B 59 24.18 5.50 -15.64
N ASP B 60 24.67 6.01 -16.77
CA ASP B 60 24.44 7.42 -17.22
C ASP B 60 23.09 7.56 -17.93
N TRP B 61 22.22 6.52 -17.88
CA TRP B 61 20.84 6.51 -18.40
C TRP B 61 20.81 6.35 -19.93
N SER B 62 21.96 6.28 -20.59
CA SER B 62 22.02 6.12 -22.07
C SER B 62 21.61 4.68 -22.46
N PHE B 63 20.82 4.56 -23.52
CA PHE B 63 20.22 3.27 -23.96
C PHE B 63 21.25 2.42 -24.74
N TYR B 64 21.00 1.13 -24.75
CA TYR B 64 21.71 0.17 -25.63
C TYR B 64 20.73 -0.89 -26.15
N LEU B 65 20.99 -1.34 -27.37
CA LEU B 65 20.19 -2.35 -28.12
C LEU B 65 21.15 -3.17 -28.97
N LEU B 66 20.97 -4.49 -28.98
CA LEU B 66 21.69 -5.41 -29.89
C LEU B 66 20.72 -5.81 -30.98
N TYR B 67 21.06 -5.53 -32.24
CA TYR B 67 20.35 -6.08 -33.42
C TYR B 67 21.19 -7.21 -33.98
N TYR B 68 20.54 -8.30 -34.38
CA TYR B 68 21.27 -9.51 -34.86
C TYR B 68 20.42 -10.27 -35.87
N THR B 69 21.09 -11.11 -36.66
CA THR B 69 20.48 -12.00 -37.68
C THR B 69 21.43 -13.19 -37.88
N GLU B 70 20.88 -14.40 -38.03
CA GLU B 70 21.66 -15.59 -38.47
C GLU B 70 22.21 -15.27 -39.86
N PHE B 71 23.50 -15.45 -40.08
CA PHE B 71 24.13 -15.27 -41.42
C PHE B 71 25.30 -16.26 -41.57
N THR B 72 25.59 -16.59 -42.82
CA THR B 72 26.76 -17.38 -43.24
C THR B 72 27.62 -16.44 -44.06
N PRO B 73 28.76 -15.94 -43.53
CA PRO B 73 29.59 -15.01 -44.27
C PRO B 73 30.17 -15.67 -45.53
N THR B 74 30.67 -14.87 -46.48
CA THR B 74 31.42 -15.29 -47.70
C THR B 74 32.62 -14.34 -47.88
N GLU B 75 33.54 -14.65 -48.80
CA GLU B 75 34.64 -13.73 -49.20
C GLU B 75 34.04 -12.55 -49.99
N LYS B 76 32.88 -12.76 -50.62
CA LYS B 76 32.25 -11.84 -51.60
C LYS B 76 31.34 -10.83 -50.87
N ASP B 77 30.36 -11.31 -50.11
CA ASP B 77 29.23 -10.48 -49.56
C ASP B 77 29.78 -9.41 -48.59
N GLU B 78 29.33 -8.15 -48.76
CA GLU B 78 29.65 -6.98 -47.91
C GLU B 78 28.46 -6.70 -46.98
N TYR B 79 28.73 -6.51 -45.69
CA TYR B 79 27.71 -6.32 -44.63
C TYR B 79 27.94 -4.97 -43.93
N ALA B 80 26.83 -4.29 -43.60
CA ALA B 80 26.83 -2.99 -42.89
C ALA B 80 25.62 -2.87 -41.95
N CYS B 81 25.67 -1.87 -41.08
CA CYS B 81 24.56 -1.49 -40.17
C CYS B 81 24.20 -0.02 -40.46
N ARG B 82 22.94 0.26 -40.74
CA ARG B 82 22.45 1.64 -41.03
C ARG B 82 21.69 2.14 -39.80
N VAL B 83 22.11 3.27 -39.25
CA VAL B 83 21.50 3.88 -38.04
C VAL B 83 21.02 5.27 -38.38
N ASN B 84 19.77 5.57 -38.04
CA ASN B 84 19.28 6.96 -37.96
C ASN B 84 18.72 7.23 -36.56
N HIS B 85 18.89 8.47 -36.12
CA HIS B 85 18.52 8.96 -34.78
C HIS B 85 18.36 10.48 -34.87
N VAL B 86 17.61 11.06 -33.96
CA VAL B 86 17.27 12.51 -34.04
C VAL B 86 18.56 13.30 -34.03
N THR B 87 19.65 12.75 -33.51
CA THR B 87 20.96 13.45 -33.35
C THR B 87 21.69 13.49 -34.70
N LEU B 88 21.26 12.69 -35.67
CA LEU B 88 22.03 12.45 -36.91
C LEU B 88 21.36 13.23 -38.04
N SER B 89 22.11 14.14 -38.66
CA SER B 89 21.67 14.94 -39.83
C SER B 89 21.56 14.01 -41.04
N GLN B 90 22.28 12.89 -41.02
CA GLN B 90 22.28 11.87 -42.10
C GLN B 90 22.45 10.48 -41.50
N PRO B 91 21.88 9.44 -42.15
CA PRO B 91 22.06 8.07 -41.68
C PRO B 91 23.56 7.78 -41.58
N LYS B 92 23.99 7.16 -40.47
CA LYS B 92 25.36 6.65 -40.25
C LYS B 92 25.35 5.20 -40.74
N ILE B 93 26.27 4.83 -41.64
CA ILE B 93 26.43 3.44 -42.14
C ILE B 93 27.82 2.95 -41.72
N VAL B 94 27.88 1.82 -40.99
CA VAL B 94 29.14 1.17 -40.51
C VAL B 94 29.24 -0.18 -41.21
N LYS B 95 30.32 -0.36 -41.95
CA LYS B 95 30.67 -1.63 -42.65
C LYS B 95 31.24 -2.58 -41.58
N TRP B 96 30.82 -3.84 -41.63
CA TRP B 96 31.43 -4.95 -40.87
C TRP B 96 32.85 -5.20 -41.37
N ASP B 97 33.88 -4.78 -40.62
CA ASP B 97 35.31 -5.09 -40.90
C ASP B 97 35.66 -6.41 -40.19
N ARG B 98 35.46 -7.54 -40.87
CA ARG B 98 35.76 -8.91 -40.38
C ARG B 98 37.16 -8.94 -39.74
N ASP B 99 38.20 -8.49 -40.48
CA ASP B 99 39.62 -8.55 -40.05
C ASP B 99 39.92 -7.43 -39.04
N MET B 100 38.88 -6.89 -38.38
CA MET B 100 38.99 -5.81 -37.37
C MET B 100 40.06 -6.20 -36.34
N LYS C 3 -10.58 -15.97 4.26
CA LYS C 3 -9.35 -16.80 4.48
C LYS C 3 -8.09 -16.06 3.99
N GLU C 4 -8.17 -14.90 3.32
CA GLU C 4 -6.98 -14.18 2.81
C GLU C 4 -6.22 -13.53 3.97
N VAL C 5 -6.94 -12.84 4.84
CA VAL C 5 -6.42 -12.28 6.12
C VAL C 5 -7.32 -12.85 7.21
N GLU C 6 -6.75 -13.59 8.17
CA GLU C 6 -7.51 -14.26 9.27
C GLU C 6 -7.12 -13.65 10.63
N GLN C 7 -8.15 -13.23 11.36
CA GLN C 7 -8.08 -12.83 12.80
C GLN C 7 -9.20 -13.56 13.52
N ASN C 8 -8.97 -14.05 14.74
CA ASN C 8 -10.06 -14.52 15.64
CA ASN C 8 -10.06 -14.52 15.64
C ASN C 8 -10.90 -13.31 16.06
N SER C 9 -12.22 -13.48 16.10
CA SER C 9 -13.23 -12.44 16.42
C SER C 9 -13.13 -11.95 17.88
N GLY C 10 -12.56 -12.75 18.79
CA GLY C 10 -12.59 -12.49 20.25
C GLY C 10 -14.01 -12.67 20.81
N PRO C 11 -14.44 -11.88 21.81
CA PRO C 11 -13.58 -10.87 22.43
C PRO C 11 -12.30 -11.48 23.05
N LEU C 12 -11.19 -10.77 22.95
CA LEU C 12 -10.00 -11.04 23.79
C LEU C 12 -10.18 -10.14 24.99
N SER C 13 -10.22 -10.74 26.18
CA SER C 13 -10.47 -10.06 27.47
C SER C 13 -9.15 -10.04 28.24
N VAL C 14 -8.73 -8.87 28.70
CA VAL C 14 -7.41 -8.71 29.37
C VAL C 14 -7.59 -7.68 30.49
N PRO C 15 -7.00 -7.93 31.69
CA PRO C 15 -7.01 -6.93 32.75
C PRO C 15 -6.11 -5.73 32.42
N GLU C 16 -6.53 -4.53 32.81
CA GLU C 16 -5.70 -3.32 32.60
C GLU C 16 -4.33 -3.52 33.28
N GLY C 17 -3.28 -3.08 32.60
CA GLY C 17 -1.88 -3.22 33.00
C GLY C 17 -1.20 -4.40 32.33
N ALA C 18 -1.94 -5.40 31.86
CA ALA C 18 -1.41 -6.59 31.17
C ALA C 18 -1.20 -6.32 29.66
N ILE C 19 -0.47 -7.23 28.99
CA ILE C 19 -0.22 -7.18 27.53
C ILE C 19 -1.43 -7.79 26.80
N ALA C 20 -1.77 -7.21 25.65
CA ALA C 20 -2.73 -7.76 24.68
C ALA C 20 -1.98 -8.05 23.38
N SER C 21 -2.03 -9.29 22.89
CA SER C 21 -1.44 -9.70 21.59
C SER C 21 -2.59 -9.91 20.60
N LEU C 22 -2.80 -8.97 19.67
CA LEU C 22 -3.74 -9.15 18.55
C LEU C 22 -2.98 -9.88 17.43
N ASN C 23 -3.45 -11.04 17.01
CA ASN C 23 -2.74 -11.89 16.02
C ASN C 23 -3.51 -11.92 14.68
N CYS C 24 -2.74 -12.13 13.62
CA CYS C 24 -3.22 -12.01 12.23
C CYS C 24 -2.37 -12.92 11.35
N THR C 25 -3.00 -13.73 10.50
CA THR C 25 -2.29 -14.52 9.46
C THR C 25 -2.84 -14.13 8.09
N TYR C 26 -2.00 -14.28 7.07
CA TYR C 26 -2.30 -13.87 5.67
C TYR C 26 -1.82 -14.96 4.72
N SER C 27 -2.48 -15.08 3.57
CA SER C 27 -2.27 -16.18 2.59
C SER C 27 -1.13 -15.83 1.61
N ASP C 28 -1.06 -14.59 1.12
CA ASP C 28 -0.15 -14.23 0.00
C ASP C 28 1.25 -13.98 0.57
N ARG C 29 2.17 -14.91 0.35
CA ARG C 29 3.54 -14.90 0.92
C ARG C 29 4.32 -13.70 0.39
N GLY C 30 3.94 -13.14 -0.76
CA GLY C 30 4.68 -12.03 -1.37
C GLY C 30 4.27 -10.68 -0.82
N SER C 31 3.25 -10.65 0.05
CA SER C 31 2.67 -9.42 0.63
C SER C 31 3.82 -8.59 1.22
N GLN C 32 3.84 -7.28 0.97
CA GLN C 32 4.98 -6.44 1.38
C GLN C 32 4.60 -5.48 2.51
N SER C 33 3.32 -5.19 2.72
CA SER C 33 2.88 -4.20 3.73
C SER C 33 1.80 -4.81 4.62
N PHE C 34 1.80 -4.37 5.89
CA PHE C 34 1.02 -4.94 7.02
C PHE C 34 0.66 -3.76 7.89
N PHE C 35 -0.60 -3.67 8.28
CA PHE C 35 -1.16 -2.53 9.02
C PHE C 35 -2.03 -3.03 10.17
N TRP C 36 -1.99 -2.27 11.26
CA TRP C 36 -2.97 -2.39 12.37
C TRP C 36 -3.81 -1.14 12.44
N TYR C 37 -5.13 -1.31 12.46
CA TYR C 37 -6.11 -0.21 12.65
C TYR C 37 -6.91 -0.49 13.90
N ARG C 38 -7.26 0.58 14.61
CA ARG C 38 -8.19 0.54 15.77
C ARG C 38 -9.52 1.15 15.32
N GLN C 39 -10.62 0.50 15.64
CA GLN C 39 -11.98 1.04 15.39
C GLN C 39 -12.84 0.97 16.66
N TYR C 40 -13.17 2.13 17.24
CA TYR C 40 -14.18 2.25 18.32
C TYR C 40 -15.58 2.12 17.70
N SER C 41 -16.55 1.66 18.50
CA SER C 41 -17.96 1.43 18.08
C SER C 41 -18.47 2.69 17.41
N GLY C 42 -19.00 2.57 16.19
CA GLY C 42 -19.63 3.69 15.47
C GLY C 42 -18.64 4.77 15.08
N LYS C 43 -17.34 4.47 15.02
CA LYS C 43 -16.31 5.42 14.51
C LYS C 43 -15.57 4.76 13.35
N SER C 44 -14.56 5.42 12.82
CA SER C 44 -13.83 4.97 11.61
C SER C 44 -12.49 4.36 12.01
N PRO C 45 -11.92 3.49 11.17
CA PRO C 45 -10.61 2.92 11.47
C PRO C 45 -9.55 4.02 11.64
N GLU C 46 -8.74 3.93 12.69
CA GLU C 46 -7.56 4.82 12.86
C GLU C 46 -6.31 3.94 12.79
N LEU C 47 -5.33 4.36 12.00
CA LEU C 47 -4.02 3.67 11.90
C LEU C 47 -3.36 3.65 13.26
N ILE C 48 -2.89 2.48 13.68
CA ILE C 48 -1.98 2.30 14.84
C ILE C 48 -0.55 2.12 14.37
N MET C 49 -0.26 1.14 13.51
CA MET C 49 1.11 0.77 13.07
C MET C 49 1.06 0.26 11.64
N SER C 50 2.11 0.56 10.89
CA SER C 50 2.47 -0.17 9.65
C SER C 50 3.77 -0.92 9.91
N ILE C 51 3.97 -2.07 9.25
CA ILE C 51 5.28 -2.78 9.33
C ILE C 51 5.60 -3.40 7.97
N TYR C 52 6.88 -3.53 7.65
CA TYR C 52 7.37 -3.98 6.33
C TYR C 52 8.41 -5.09 6.48
N SER C 53 9.29 -5.05 7.47
CA SER C 53 10.42 -6.03 7.61
C SER C 53 10.11 -6.99 8.75
N ASN C 54 10.56 -8.24 8.60
CA ASN C 54 10.65 -9.21 9.71
C ASN C 54 11.24 -8.51 10.92
N GLY C 55 10.63 -8.77 12.08
CA GLY C 55 11.08 -8.18 13.34
C GLY C 55 10.02 -7.29 13.94
N ASP C 56 10.49 -6.38 14.78
CA ASP C 56 9.74 -5.54 15.75
C ASP C 56 9.69 -4.12 15.19
N LYS C 57 8.66 -3.38 15.58
CA LYS C 57 8.56 -1.92 15.40
C LYS C 57 7.75 -1.41 16.58
N GLU C 58 8.25 -0.38 17.27
CA GLU C 58 7.62 0.15 18.50
C GLU C 58 7.16 1.59 18.28
N ASP C 59 6.06 1.94 18.92
CA ASP C 59 5.50 3.31 18.88
C ASP C 59 4.65 3.47 20.14
N GLY C 60 5.19 4.15 21.15
CA GLY C 60 4.53 4.32 22.47
C GLY C 60 4.33 2.96 23.11
N ARG C 61 3.10 2.65 23.52
CA ARG C 61 2.77 1.37 24.18
C ARG C 61 2.58 0.27 23.13
N PHE C 62 2.63 0.58 21.83
CA PHE C 62 2.34 -0.40 20.75
C PHE C 62 3.63 -1.02 20.22
N THR C 63 3.63 -2.32 20.02
CA THR C 63 4.70 -3.05 19.26
C THR C 63 4.05 -3.89 18.18
N ALA C 64 4.44 -3.75 16.92
CA ALA C 64 4.05 -4.70 15.86
C ALA C 64 5.21 -5.65 15.61
N GLN C 65 4.93 -6.89 15.31
CA GLN C 65 5.99 -7.84 14.99
C GLN C 65 5.53 -8.65 13.78
N LEU C 66 6.41 -8.74 12.78
CA LEU C 66 6.08 -9.43 11.52
C LEU C 66 6.96 -10.68 11.43
N ASN C 67 6.34 -11.82 11.15
CA ASN C 67 7.00 -13.12 10.87
C ASN C 67 6.55 -13.60 9.49
N LYS C 68 7.29 -13.22 8.46
CA LYS C 68 6.94 -13.50 7.05
C LYS C 68 7.05 -14.99 6.76
N ALA C 69 8.01 -15.68 7.38
CA ALA C 69 8.17 -17.14 7.23
C ALA C 69 6.89 -17.85 7.67
N SER C 70 6.30 -17.49 8.80
CA SER C 70 5.05 -18.12 9.31
C SER C 70 3.83 -17.32 8.85
N GLN C 71 4.04 -16.26 8.07
CA GLN C 71 2.95 -15.41 7.49
C GLN C 71 2.00 -15.00 8.63
N TYR C 72 2.60 -14.37 9.63
CA TYR C 72 1.99 -14.13 10.96
C TYR C 72 2.39 -12.73 11.39
N VAL C 73 1.43 -11.89 11.76
CA VAL C 73 1.75 -10.53 12.26
C VAL C 73 0.91 -10.24 13.51
N SER C 74 1.50 -9.55 14.46
CA SER C 74 0.91 -9.29 15.80
C SER C 74 0.99 -7.82 16.10
N LEU C 75 0.00 -7.33 16.84
CA LEU C 75 0.08 -6.06 17.57
C LEU C 75 0.05 -6.36 19.06
N LEU C 76 1.08 -5.90 19.74
CA LEU C 76 1.21 -5.97 21.20
C LEU C 76 0.81 -4.60 21.77
N ILE C 77 -0.17 -4.58 22.67
CA ILE C 77 -0.50 -3.38 23.47
C ILE C 77 0.10 -3.63 24.85
N ARG C 78 1.14 -2.88 25.19
CA ARG C 78 1.78 -2.92 26.53
C ARG C 78 0.96 -2.02 27.47
N ASP C 79 0.99 -2.33 28.77
CA ASP C 79 0.32 -1.50 29.81
C ASP C 79 -1.09 -1.13 29.32
N SER C 80 -1.91 -2.14 29.01
CA SER C 80 -3.25 -1.97 28.37
C SER C 80 -4.15 -1.16 29.28
N GLN C 81 -4.93 -0.24 28.71
CA GLN C 81 -5.90 0.64 29.43
C GLN C 81 -7.29 0.35 28.91
N PRO C 82 -8.35 0.50 29.75
CA PRO C 82 -9.74 0.33 29.30
C PRO C 82 -10.10 1.10 28.02
N SER C 83 -9.53 2.29 27.83
CA SER C 83 -9.73 3.13 26.61
C SER C 83 -9.13 2.46 25.35
N ASP C 84 -8.34 1.38 25.52
CA ASP C 84 -7.81 0.55 24.40
C ASP C 84 -8.89 -0.42 23.90
N SER C 85 -10.00 -0.55 24.61
CA SER C 85 -11.13 -1.43 24.23
C SER C 85 -11.75 -0.95 22.89
N ALA C 86 -11.80 -1.83 21.90
CA ALA C 86 -12.04 -1.50 20.49
C ALA C 86 -11.92 -2.77 19.66
N THR C 87 -12.27 -2.68 18.38
CA THR C 87 -11.96 -3.72 17.38
C THR C 87 -10.65 -3.35 16.69
N TYR C 88 -9.71 -4.28 16.68
CA TYR C 88 -8.40 -4.12 15.99
C TYR C 88 -8.50 -4.87 14.67
N LEU C 89 -8.17 -4.14 13.59
CA LEU C 89 -8.29 -4.63 12.19
C LEU C 89 -6.87 -4.79 11.67
N CYS C 90 -6.59 -5.97 11.18
CA CYS C 90 -5.34 -6.31 10.49
C CYS C 90 -5.58 -6.08 8.99
N ALA C 91 -4.64 -5.44 8.29
CA ALA C 91 -4.73 -5.20 6.84
C ALA C 91 -3.41 -5.57 6.18
N VAL C 92 -3.52 -6.26 5.07
CA VAL C 92 -2.37 -6.77 4.28
C VAL C 92 -2.57 -6.32 2.82
N ARG C 93 -1.50 -5.87 2.17
CA ARG C 93 -1.48 -5.62 0.70
C ARG C 93 -0.82 -6.82 0.02
N GLY C 94 -1.60 -7.59 -0.75
CA GLY C 94 -1.06 -8.75 -1.48
C GLY C 94 -0.09 -8.36 -2.59
N THR C 95 0.48 -9.34 -3.26
CA THR C 95 1.49 -9.12 -4.34
C THR C 95 0.84 -8.35 -5.48
N GLY C 96 1.41 -7.19 -5.83
CA GLY C 96 1.02 -6.39 -6.99
C GLY C 96 -0.33 -5.73 -6.81
N ARG C 97 -0.91 -5.79 -5.61
CA ARG C 97 -2.22 -5.16 -5.31
C ARG C 97 -2.01 -3.67 -5.01
N ARG C 98 -3.06 -2.85 -5.26
CA ARG C 98 -3.05 -1.38 -5.09
C ARG C 98 -4.20 -1.01 -4.14
N ALA C 99 -4.56 -1.95 -3.28
CA ALA C 99 -5.63 -1.85 -2.28
C ALA C 99 -5.28 -2.77 -1.10
N LEU C 100 -5.74 -2.44 0.10
CA LEU C 100 -5.54 -3.28 1.31
C LEU C 100 -6.66 -4.32 1.42
N THR C 101 -6.31 -5.52 1.90
CA THR C 101 -7.25 -6.57 2.36
C THR C 101 -7.29 -6.52 3.90
N PHE C 102 -8.47 -6.26 4.44
CA PHE C 102 -8.75 -6.17 5.88
C PHE C 102 -9.25 -7.51 6.39
N GLY C 103 -8.76 -7.91 7.56
CA GLY C 103 -9.38 -9.00 8.33
C GLY C 103 -10.69 -8.54 8.92
N SER C 104 -11.48 -9.46 9.46
CA SER C 104 -12.82 -9.14 10.00
C SER C 104 -12.67 -8.54 11.41
N GLY C 105 -11.46 -8.52 11.99
CA GLY C 105 -11.15 -7.78 13.23
C GLY C 105 -11.25 -8.65 14.49
N THR C 106 -10.61 -8.20 15.57
CA THR C 106 -10.62 -8.83 16.91
C THR C 106 -11.08 -7.78 17.92
N ARG C 107 -12.21 -8.06 18.58
CA ARG C 107 -12.76 -7.26 19.71
C ARG C 107 -11.82 -7.43 20.91
N LEU C 108 -11.26 -6.33 21.39
CA LEU C 108 -10.45 -6.29 22.63
C LEU C 108 -11.27 -5.56 23.69
N GLN C 109 -11.39 -6.16 24.88
CA GLN C 109 -11.98 -5.54 26.09
C GLN C 109 -10.87 -5.53 27.15
N VAL C 110 -10.50 -4.34 27.61
CA VAL C 110 -9.50 -4.20 28.69
C VAL C 110 -10.31 -3.88 29.96
N GLN C 111 -10.36 -4.84 30.89
CA GLN C 111 -11.19 -4.84 32.11
C GLN C 111 -10.56 -3.86 33.10
N PRO C 112 -11.29 -2.84 33.59
CA PRO C 112 -10.77 -1.97 34.65
C PRO C 112 -10.59 -2.77 35.95
N ASN C 113 -9.55 -2.44 36.71
CA ASN C 113 -9.36 -3.09 38.04
C ASN C 113 -10.28 -2.35 39.02
N ILE C 114 -11.38 -2.98 39.41
CA ILE C 114 -12.33 -2.40 40.43
C ILE C 114 -11.75 -2.76 41.80
N GLN C 115 -11.07 -1.80 42.43
CA GLN C 115 -10.30 -1.94 43.69
C GLN C 115 -11.26 -2.33 44.83
N ASN C 116 -12.36 -1.60 44.96
CA ASN C 116 -13.37 -1.77 46.03
C ASN C 116 -14.73 -1.98 45.40
N PRO C 117 -15.02 -3.17 44.83
CA PRO C 117 -16.33 -3.41 44.23
C PRO C 117 -17.42 -3.14 45.28
N ASP C 118 -18.53 -2.54 44.88
CA ASP C 118 -19.68 -2.20 45.76
C ASP C 118 -20.96 -2.55 45.04
N PRO C 119 -21.13 -3.81 44.60
CA PRO C 119 -22.18 -4.15 43.65
C PRO C 119 -23.55 -3.88 44.27
N ALA C 120 -24.44 -3.24 43.49
CA ALA C 120 -25.78 -2.78 43.92
C ALA C 120 -26.72 -2.69 42.71
N VAL C 121 -28.02 -2.77 42.99
CA VAL C 121 -29.12 -2.59 42.01
C VAL C 121 -30.05 -1.50 42.53
N TYR C 122 -30.03 -0.33 41.90
CA TYR C 122 -30.81 0.85 42.33
C TYR C 122 -31.97 1.05 41.36
N GLN C 123 -33.10 1.53 41.87
CA GLN C 123 -34.24 1.98 41.03
C GLN C 123 -34.11 3.49 40.86
N LEU C 124 -34.11 3.96 39.61
CA LEU C 124 -34.10 5.40 39.25
C LEU C 124 -35.48 5.77 38.69
N ARG C 125 -36.05 6.89 39.13
CA ARG C 125 -37.42 7.33 38.69
C ARG C 125 -37.29 8.44 37.64
N ASP C 126 -38.17 8.42 36.63
CA ASP C 126 -38.25 9.40 35.52
C ASP C 126 -38.27 10.82 36.11
N SER C 127 -37.33 11.69 35.68
CA SER C 127 -37.19 13.11 36.12
C SER C 127 -38.53 13.81 35.97
N LYS C 128 -39.02 13.90 34.73
CA LYS C 128 -40.37 14.40 34.41
C LYS C 128 -41.34 13.36 34.96
N SER C 129 -42.17 13.77 35.91
CA SER C 129 -42.98 12.91 36.80
C SER C 129 -43.50 11.70 36.01
N SER C 130 -43.60 10.56 36.68
CA SER C 130 -44.28 9.33 36.17
C SER C 130 -44.12 8.21 37.22
N ASP C 131 -44.90 7.15 37.09
CA ASP C 131 -44.62 5.86 37.76
C ASP C 131 -43.74 5.02 36.83
N LYS C 132 -42.76 5.66 36.16
CA LYS C 132 -41.79 5.07 35.19
C LYS C 132 -40.42 4.95 35.88
N SER C 133 -39.75 3.82 35.72
CA SER C 133 -38.44 3.58 36.37
C SER C 133 -37.52 2.69 35.52
N VAL C 134 -36.22 2.83 35.77
CA VAL C 134 -35.16 1.90 35.30
C VAL C 134 -34.49 1.28 36.53
N CYS C 135 -33.84 0.13 36.32
CA CYS C 135 -32.99 -0.59 37.29
C CYS C 135 -31.53 -0.49 36.82
N LEU C 136 -30.67 0.04 37.69
CA LEU C 136 -29.22 0.20 37.45
C LEU C 136 -28.44 -0.78 38.34
N PHE C 137 -27.83 -1.79 37.71
CA PHE C 137 -26.82 -2.67 38.34
C PHE C 137 -25.46 -2.00 38.15
N THR C 138 -24.75 -1.70 39.23
CA THR C 138 -23.50 -0.89 39.16
C THR C 138 -22.49 -1.30 40.24
N ASP C 139 -21.24 -0.91 40.02
CA ASP C 139 -20.08 -0.99 40.95
C ASP C 139 -19.66 -2.44 41.16
N PHE C 140 -19.98 -3.33 40.22
CA PHE C 140 -19.58 -4.75 40.30
C PHE C 140 -18.17 -4.92 39.70
N ASP C 141 -17.51 -6.02 40.05
CA ASP C 141 -16.15 -6.36 39.57
C ASP C 141 -16.24 -6.65 38.07
N SER C 142 -15.12 -6.47 37.37
CA SER C 142 -15.03 -6.52 35.89
C SER C 142 -15.13 -7.98 35.42
N GLN C 143 -15.12 -8.97 36.32
CA GLN C 143 -15.32 -10.40 35.95
C GLN C 143 -16.80 -10.73 35.95
N THR C 144 -17.67 -9.92 36.57
CA THR C 144 -19.13 -10.02 36.39
C THR C 144 -19.46 -9.69 34.93
N ASN C 145 -20.19 -10.58 34.25
CA ASN C 145 -20.83 -10.35 32.94
C ASN C 145 -22.35 -10.37 33.15
N VAL C 146 -23.05 -9.67 32.25
CA VAL C 146 -24.50 -9.40 32.36
C VAL C 146 -25.20 -10.13 31.22
N SER C 147 -25.96 -11.18 31.57
CA SER C 147 -26.84 -11.95 30.65
C SER C 147 -27.99 -11.05 30.16
N GLN C 148 -28.10 -10.88 28.85
CA GLN C 148 -29.22 -10.14 28.21
C GLN C 148 -30.53 -10.87 28.57
N SER C 149 -31.67 -10.26 28.26
CA SER C 149 -33.02 -10.61 28.78
C SER C 149 -33.53 -11.94 28.18
N LYS C 150 -34.06 -12.82 29.05
CA LYS C 150 -34.75 -14.09 28.70
C LYS C 150 -36.18 -13.79 28.24
N ASP C 151 -36.71 -12.60 28.55
CA ASP C 151 -38.07 -12.14 28.17
C ASP C 151 -37.95 -11.07 27.08
N SER C 152 -38.98 -10.93 26.23
CA SER C 152 -39.02 -9.98 25.08
C SER C 152 -39.63 -8.63 25.49
N ASP C 153 -40.24 -8.54 26.69
CA ASP C 153 -40.82 -7.30 27.28
C ASP C 153 -39.92 -6.74 28.40
N VAL C 154 -38.79 -7.39 28.69
CA VAL C 154 -37.76 -6.91 29.65
C VAL C 154 -36.46 -6.61 28.88
N TYR C 155 -35.92 -5.40 29.04
CA TYR C 155 -34.72 -4.92 28.32
C TYR C 155 -33.55 -4.84 29.30
N ILE C 156 -32.44 -5.46 28.93
CA ILE C 156 -31.18 -5.46 29.73
C ILE C 156 -30.03 -5.09 28.79
N THR C 157 -29.32 -4.00 29.10
CA THR C 157 -28.13 -3.57 28.32
C THR C 157 -26.96 -4.47 28.69
N ASP C 158 -25.95 -4.52 27.83
CA ASP C 158 -24.63 -5.11 28.16
C ASP C 158 -23.94 -4.23 29.21
N LYS C 159 -22.89 -4.72 29.86
CA LYS C 159 -22.16 -3.86 30.82
C LYS C 159 -21.45 -2.78 30.02
N CYS C 160 -21.25 -1.64 30.66
CA CYS C 160 -20.71 -0.37 30.11
C CYS C 160 -19.71 0.19 31.15
N VAL C 161 -18.47 0.43 30.75
CA VAL C 161 -17.42 1.04 31.63
C VAL C 161 -17.54 2.56 31.50
N LEU C 162 -17.72 3.23 32.62
CA LEU C 162 -17.86 4.70 32.74
C LEU C 162 -16.61 5.21 33.47
N ASP C 163 -15.99 6.27 32.97
CA ASP C 163 -14.73 6.84 33.54
C ASP C 163 -15.03 8.24 34.05
N MET C 164 -15.11 8.41 35.36
CA MET C 164 -15.16 9.75 35.98
C MET C 164 -13.72 10.24 36.02
N ARG C 165 -13.25 10.84 34.91
CA ARG C 165 -11.83 11.12 34.64
C ARG C 165 -11.25 11.99 35.76
N SER C 166 -12.00 12.94 36.31
CA SER C 166 -11.47 13.88 37.34
C SER C 166 -11.11 13.16 38.64
N MET C 167 -11.86 12.09 39.03
CA MET C 167 -11.58 11.25 40.22
C MET C 167 -10.71 10.04 39.81
N ASP C 168 -10.36 9.91 38.54
CA ASP C 168 -9.70 8.68 38.04
C ASP C 168 -10.47 7.45 38.55
N PHE C 169 -11.80 7.47 38.49
CA PHE C 169 -12.66 6.39 39.04
C PHE C 169 -13.45 5.73 37.90
N LYS C 170 -13.25 4.43 37.68
CA LYS C 170 -13.98 3.67 36.65
C LYS C 170 -15.02 2.79 37.32
N SER C 171 -16.23 2.73 36.78
CA SER C 171 -17.27 1.81 37.28
C SER C 171 -18.01 1.12 36.11
N ASN C 172 -18.41 -0.13 36.35
CA ASN C 172 -19.24 -0.96 35.46
C ASN C 172 -20.70 -0.73 35.78
N SER C 173 -21.57 -0.73 34.76
CA SER C 173 -23.03 -0.62 34.95
C SER C 173 -23.78 -1.32 33.81
N ALA C 174 -24.96 -1.85 34.11
CA ALA C 174 -25.96 -2.30 33.13
C ALA C 174 -27.31 -1.72 33.54
N VAL C 175 -28.19 -1.50 32.56
CA VAL C 175 -29.54 -0.90 32.77
C VAL C 175 -30.59 -1.95 32.39
N ALA C 176 -31.66 -2.05 33.19
CA ALA C 176 -32.84 -2.90 32.90
C ALA C 176 -34.09 -2.04 33.05
N TRP C 177 -35.06 -2.20 32.15
CA TRP C 177 -36.42 -1.59 32.22
C TRP C 177 -37.44 -2.53 31.52
N SER C 178 -38.73 -2.33 31.82
CA SER C 178 -39.86 -3.13 31.28
C SER C 178 -41.18 -2.42 31.58
N ASN C 179 -42.19 -2.67 30.76
CA ASN C 179 -43.55 -2.09 30.88
C ASN C 179 -44.38 -2.91 31.89
N LYS C 180 -44.01 -4.16 32.11
CA LYS C 180 -44.72 -5.15 32.97
C LYS C 180 -44.80 -4.65 34.42
N SER C 181 -46.03 -4.59 34.97
CA SER C 181 -46.36 -4.12 36.36
C SER C 181 -45.63 -4.98 37.39
N ASP C 182 -45.55 -6.30 37.15
CA ASP C 182 -44.94 -7.29 38.08
C ASP C 182 -43.41 -7.12 38.16
N PHE C 183 -42.76 -6.68 37.07
CA PHE C 183 -41.27 -6.57 36.95
C PHE C 183 -40.73 -5.63 38.03
N ALA C 184 -39.64 -6.04 38.67
CA ALA C 184 -39.02 -5.33 39.83
C ALA C 184 -37.50 -5.49 39.77
N CYS C 185 -36.79 -4.46 40.20
CA CYS C 185 -35.30 -4.39 40.17
C CYS C 185 -34.73 -5.65 40.83
N ALA C 186 -35.24 -6.02 42.00
CA ALA C 186 -34.84 -7.24 42.75
C ALA C 186 -34.78 -8.48 41.84
N ASN C 187 -35.57 -8.52 40.75
CA ASN C 187 -35.64 -9.66 39.78
C ASN C 187 -34.84 -9.41 38.49
N ALA C 188 -34.70 -8.14 38.08
CA ALA C 188 -34.13 -7.68 36.80
C ALA C 188 -32.94 -8.54 36.36
N PHE C 189 -31.96 -8.78 37.24
CA PHE C 189 -30.62 -9.30 36.85
C PHE C 189 -30.46 -10.77 37.30
N ASN C 190 -31.56 -11.51 37.50
CA ASN C 190 -31.52 -12.88 38.06
C ASN C 190 -31.02 -13.91 37.03
N ASN C 191 -31.11 -13.63 35.72
CA ASN C 191 -30.50 -14.47 34.65
C ASN C 191 -28.97 -14.41 34.76
N SER C 192 -28.44 -13.33 35.33
CA SER C 192 -27.00 -13.03 35.43
C SER C 192 -26.44 -13.60 36.74
N ILE C 193 -25.15 -13.96 36.75
CA ILE C 193 -24.40 -14.40 37.96
C ILE C 193 -23.90 -13.13 38.65
N ILE C 194 -24.74 -12.56 39.52
CA ILE C 194 -24.46 -11.29 40.26
C ILE C 194 -23.82 -11.67 41.60
N PRO C 195 -22.84 -10.88 42.10
CA PRO C 195 -22.18 -11.19 43.36
C PRO C 195 -23.15 -11.41 44.52
N GLU C 196 -22.82 -12.39 45.36
CA GLU C 196 -23.37 -12.51 46.73
C GLU C 196 -23.00 -11.20 47.44
N ASP C 197 -23.87 -10.65 48.28
CA ASP C 197 -23.55 -9.37 48.95
C ASP C 197 -23.84 -8.19 48.00
N THR C 198 -24.49 -8.43 46.83
CA THR C 198 -25.08 -7.34 46.00
C THR C 198 -26.10 -6.60 46.87
N PHE C 199 -25.87 -5.31 47.11
CA PHE C 199 -26.75 -4.39 47.89
C PHE C 199 -28.04 -4.17 47.09
N PHE C 200 -29.17 -4.67 47.62
CA PHE C 200 -30.55 -4.39 47.16
C PHE C 200 -31.26 -3.52 48.17
N PRO C 201 -31.24 -2.17 48.05
CA PRO C 201 -32.12 -1.33 48.85
C PRO C 201 -33.57 -1.53 48.35
N SER C 202 -34.56 -1.11 49.14
CA SER C 202 -35.99 -1.03 48.75
C SER C 202 -36.28 0.37 48.24
N PRO C 203 -37.00 0.55 47.10
CA PRO C 203 -37.21 1.87 46.52
C PRO C 203 -38.15 2.77 47.35
N MET D 1 -4.37 13.44 9.18
CA MET D 1 -4.51 12.46 8.07
C MET D 1 -5.99 12.01 7.96
N ASN D 2 -6.52 11.23 8.90
CA ASN D 2 -7.99 10.92 8.97
C ASN D 2 -8.76 12.25 8.79
N ALA D 3 -8.32 13.31 9.49
CA ALA D 3 -8.94 14.66 9.48
C ALA D 3 -8.91 15.29 8.06
N GLY D 4 -7.97 14.86 7.21
CA GLY D 4 -7.82 15.31 5.80
C GLY D 4 -8.84 14.66 4.88
N VAL D 5 -9.52 13.60 5.30
CA VAL D 5 -10.52 12.88 4.47
C VAL D 5 -11.91 13.27 4.98
N THR D 6 -12.74 13.85 4.12
CA THR D 6 -14.10 14.25 4.51
C THR D 6 -15.09 13.43 3.69
N GLN D 7 -16.27 13.23 4.25
CA GLN D 7 -17.28 12.30 3.73
C GLN D 7 -18.65 12.91 4.04
N THR D 8 -19.51 13.01 3.03
CA THR D 8 -20.93 13.39 3.19
C THR D 8 -21.79 12.45 2.34
N PRO D 9 -23.06 12.20 2.75
CA PRO D 9 -23.58 12.72 4.01
C PRO D 9 -23.12 11.82 5.16
N LYS D 10 -23.55 12.13 6.38
CA LYS D 10 -23.24 11.33 7.59
C LYS D 10 -24.25 10.20 7.69
N PHE D 11 -25.52 10.49 7.44
CA PHE D 11 -26.67 9.58 7.58
C PHE D 11 -27.58 9.79 6.37
N ARG D 12 -28.20 8.73 5.84
CA ARG D 12 -29.32 8.88 4.89
C ARG D 12 -30.27 7.68 5.01
N VAL D 13 -31.57 7.95 5.05
CA VAL D 13 -32.62 6.92 4.81
C VAL D 13 -32.98 7.02 3.34
N LEU D 14 -33.08 5.92 2.63
CA LEU D 14 -33.57 5.91 1.22
C LEU D 14 -34.75 4.94 1.07
N LYS D 15 -35.71 5.32 0.22
CA LYS D 15 -36.76 4.40 -0.31
C LYS D 15 -36.07 3.50 -1.33
N THR D 16 -36.31 2.19 -1.26
CA THR D 16 -35.94 1.23 -2.32
C THR D 16 -36.17 1.91 -3.68
N GLY D 17 -35.16 1.86 -4.56
CA GLY D 17 -35.23 2.40 -5.92
C GLY D 17 -34.72 3.82 -6.00
N GLN D 18 -34.56 4.51 -4.86
CA GLN D 18 -34.06 5.90 -4.87
C GLN D 18 -32.55 5.93 -5.21
N SER D 19 -32.08 7.09 -5.67
CA SER D 19 -30.68 7.36 -6.07
C SER D 19 -29.97 8.13 -4.96
N MET D 20 -28.67 7.96 -4.84
CA MET D 20 -27.84 8.94 -4.10
C MET D 20 -26.38 8.76 -4.46
N THR D 21 -25.60 9.76 -4.12
CA THR D 21 -24.14 9.84 -4.32
C THR D 21 -23.51 10.08 -2.96
N LEU D 22 -22.50 9.32 -2.58
CA LEU D 22 -21.67 9.64 -1.41
C LEU D 22 -20.43 10.38 -1.91
N LEU D 23 -20.07 11.48 -1.27
CA LEU D 23 -18.87 12.29 -1.63
C LEU D 23 -17.75 11.97 -0.67
N CYS D 24 -16.59 11.55 -1.19
CA CYS D 24 -15.31 11.48 -0.44
C CYS D 24 -14.43 12.61 -0.94
N ALA D 25 -13.87 13.42 -0.03
CA ALA D 25 -12.90 14.49 -0.37
C ALA D 25 -11.64 14.36 0.50
N GLN D 26 -10.48 14.59 -0.13
CA GLN D 26 -9.18 14.70 0.55
C GLN D 26 -8.37 15.84 -0.09
N ASP D 27 -7.71 16.64 0.75
CA ASP D 27 -6.88 17.80 0.35
C ASP D 27 -5.41 17.44 0.53
N MET D 28 -5.06 16.16 0.40
CA MET D 28 -3.68 15.69 0.71
C MET D 28 -2.95 15.30 -0.57
N ASN D 29 -3.51 15.60 -1.74
CA ASN D 29 -2.93 15.23 -3.06
C ASN D 29 -2.62 13.72 -3.05
N HIS D 30 -3.54 12.91 -2.53
CA HIS D 30 -3.42 11.44 -2.53
C HIS D 30 -3.85 10.90 -3.90
N ASP D 31 -3.03 10.01 -4.43
CA ASP D 31 -3.23 9.34 -5.73
C ASP D 31 -4.33 8.29 -5.63
N TYR D 32 -4.40 7.59 -4.48
CA TYR D 32 -5.27 6.40 -4.25
C TYR D 32 -6.46 6.75 -3.35
N MET D 33 -7.64 6.29 -3.78
CA MET D 33 -8.86 6.46 -2.99
C MET D 33 -9.73 5.20 -3.07
N TYR D 34 -10.48 4.97 -2.00
CA TYR D 34 -11.15 3.69 -1.71
C TYR D 34 -12.56 3.94 -1.19
N TRP D 35 -13.49 3.13 -1.66
CA TRP D 35 -14.85 3.02 -1.07
C TRP D 35 -15.01 1.60 -0.51
N TYR D 36 -15.27 1.50 0.79
CA TYR D 36 -15.64 0.25 1.50
C TYR D 36 -17.04 0.35 2.10
N ARG D 37 -17.65 -0.82 2.32
CA ARG D 37 -18.82 -1.00 3.20
C ARG D 37 -18.37 -1.88 4.37
N GLN D 38 -19.04 -1.75 5.50
CA GLN D 38 -18.78 -2.56 6.71
C GLN D 38 -20.10 -3.10 7.22
N ASP D 39 -20.19 -4.43 7.34
CA ASP D 39 -21.39 -5.16 7.83
C ASP D 39 -20.96 -6.07 8.97
N PRO D 40 -21.81 -6.26 9.99
CA PRO D 40 -21.40 -7.04 11.16
C PRO D 40 -20.89 -8.41 10.71
N GLY D 41 -19.78 -8.88 11.27
CA GLY D 41 -19.21 -10.20 10.99
C GLY D 41 -18.44 -10.27 9.67
N MET D 42 -18.58 -9.26 8.79
CA MET D 42 -17.96 -9.21 7.45
C MET D 42 -16.65 -8.43 7.51
N GLY D 43 -16.56 -7.48 8.44
CA GLY D 43 -15.53 -6.43 8.41
C GLY D 43 -15.68 -5.59 7.15
N LEU D 44 -14.61 -4.85 6.80
CA LEU D 44 -14.55 -3.89 5.67
C LEU D 44 -14.44 -4.66 4.36
N ARG D 45 -15.32 -4.38 3.40
CA ARG D 45 -15.26 -4.96 2.04
C ARG D 45 -15.08 -3.82 1.04
N LEU D 46 -14.02 -3.89 0.23
CA LEU D 46 -13.76 -2.90 -0.84
C LEU D 46 -14.84 -3.03 -1.93
N ILE D 47 -15.47 -1.90 -2.27
CA ILE D 47 -16.48 -1.81 -3.36
C ILE D 47 -15.73 -1.52 -4.66
N HIS D 48 -14.98 -0.41 -4.66
CA HIS D 48 -14.26 0.17 -5.81
C HIS D 48 -13.08 0.96 -5.25
N TYR D 49 -12.04 1.15 -6.05
CA TYR D 49 -10.88 1.98 -5.71
C TYR D 49 -10.45 2.72 -6.96
N SER D 50 -9.46 3.62 -6.82
CA SER D 50 -8.93 4.49 -7.88
C SER D 50 -7.44 4.72 -7.63
N VAL D 51 -6.63 4.54 -8.67
CA VAL D 51 -5.15 4.72 -8.61
C VAL D 51 -4.78 6.10 -9.19
N GLY D 52 -5.76 6.92 -9.54
CA GLY D 52 -5.52 8.26 -10.12
C GLY D 52 -6.78 8.86 -10.74
N GLU D 53 -6.69 10.14 -11.09
CA GLU D 53 -7.77 10.89 -11.77
C GLU D 53 -8.15 10.17 -13.06
N GLY D 54 -9.46 10.02 -13.31
CA GLY D 54 -10.04 9.40 -14.51
C GLY D 54 -9.87 7.90 -14.58
N THR D 55 -9.45 7.21 -13.51
CA THR D 55 -9.27 5.73 -13.50
C THR D 55 -9.99 5.15 -12.26
N THR D 56 -10.83 4.14 -12.44
CA THR D 56 -11.43 3.39 -11.32
C THR D 56 -11.30 1.88 -11.60
N ALA D 57 -11.48 1.06 -10.55
CA ALA D 57 -11.35 -0.40 -10.60
C ALA D 57 -12.27 -1.04 -9.57
N LYS D 58 -12.78 -2.22 -9.91
CA LYS D 58 -13.68 -3.06 -9.09
C LYS D 58 -12.90 -3.54 -7.85
N GLY D 59 -13.53 -3.47 -6.69
CA GLY D 59 -13.05 -4.14 -5.48
C GLY D 59 -13.66 -5.52 -5.36
N GLU D 60 -13.98 -5.93 -4.14
CA GLU D 60 -14.49 -7.29 -3.82
C GLU D 60 -16.00 -7.31 -4.07
N VAL D 61 -16.71 -6.21 -3.78
CA VAL D 61 -18.20 -6.16 -3.91
C VAL D 61 -18.65 -4.96 -4.72
N PRO D 62 -18.28 -4.88 -6.00
CA PRO D 62 -18.64 -3.73 -6.84
C PRO D 62 -20.10 -3.64 -7.33
N ASP D 63 -20.78 -4.78 -7.46
CA ASP D 63 -22.10 -4.90 -8.14
C ASP D 63 -23.11 -4.03 -7.39
N GLY D 64 -23.84 -3.18 -8.12
CA GLY D 64 -24.87 -2.28 -7.56
C GLY D 64 -24.33 -0.87 -7.33
N TYR D 65 -23.03 -0.68 -7.47
CA TYR D 65 -22.37 0.60 -7.14
C TYR D 65 -21.61 1.10 -8.37
N ASN D 66 -21.59 2.40 -8.61
CA ASN D 66 -20.59 2.99 -9.54
C ASN D 66 -19.84 4.10 -8.83
N VAL D 67 -18.76 4.54 -9.48
CA VAL D 67 -17.82 5.53 -8.91
C VAL D 67 -17.34 6.40 -10.03
N SER D 68 -16.92 7.61 -9.68
CA SER D 68 -16.21 8.51 -10.60
C SER D 68 -15.10 9.19 -9.81
N ARG D 69 -13.97 9.38 -10.48
CA ARG D 69 -12.83 10.18 -9.97
C ARG D 69 -12.42 11.12 -11.10
N LEU D 70 -13.30 12.05 -11.50
CA LEU D 70 -12.97 13.06 -12.55
C LEU D 70 -11.95 14.07 -12.00
N LYS D 71 -11.95 14.32 -10.69
CA LYS D 71 -10.96 15.25 -10.05
C LYS D 71 -10.23 14.47 -8.97
N LYS D 72 -8.91 14.66 -8.87
CA LYS D 72 -8.03 13.88 -7.96
C LYS D 72 -8.53 13.98 -6.51
N GLN D 73 -9.13 15.10 -6.10
CA GLN D 73 -9.45 15.32 -4.66
C GLN D 73 -10.73 14.56 -4.30
N ASN D 74 -11.60 14.22 -5.25
CA ASN D 74 -12.95 13.68 -4.97
C ASN D 74 -13.12 12.26 -5.57
N PHE D 75 -13.71 11.36 -4.79
CA PHE D 75 -14.10 10.01 -5.24
C PHE D 75 -15.59 9.83 -4.90
N LEU D 76 -16.44 9.76 -5.94
CA LEU D 76 -17.91 9.70 -5.78
C LEU D 76 -18.35 8.24 -5.86
N LEU D 77 -19.19 7.83 -4.91
CA LEU D 77 -19.87 6.51 -4.93
C LEU D 77 -21.35 6.76 -5.24
N GLY D 78 -21.87 6.14 -6.30
CA GLY D 78 -23.25 6.32 -6.74
C GLY D 78 -24.05 5.06 -6.49
N LEU D 79 -25.22 5.18 -5.86
CA LEU D 79 -26.22 4.08 -5.75
C LEU D 79 -27.32 4.44 -6.74
N GLU D 80 -27.37 3.72 -7.87
CA GLU D 80 -28.28 4.00 -9.01
C GLU D 80 -29.72 3.82 -8.54
N SER D 81 -29.99 2.72 -7.84
CA SER D 81 -31.33 2.22 -7.48
C SER D 81 -31.25 1.50 -6.12
N ALA D 82 -31.42 2.24 -5.02
CA ALA D 82 -31.12 1.74 -3.66
C ALA D 82 -31.93 0.45 -3.41
N ALA D 83 -31.25 -0.56 -2.84
CA ALA D 83 -31.82 -1.85 -2.44
C ALA D 83 -31.58 -2.03 -0.94
N PRO D 84 -32.46 -2.79 -0.25
CA PRO D 84 -32.25 -3.13 1.16
C PRO D 84 -30.88 -3.75 1.48
N SER D 85 -30.31 -4.55 0.57
CA SER D 85 -28.98 -5.16 0.77
C SER D 85 -27.88 -4.07 0.86
N GLN D 86 -28.12 -2.85 0.40
CA GLN D 86 -27.10 -1.75 0.42
C GLN D 86 -27.14 -1.01 1.77
N THR D 87 -28.08 -1.36 2.64
CA THR D 87 -28.13 -0.85 4.04
C THR D 87 -26.79 -1.25 4.67
N SER D 88 -25.99 -0.25 5.08
CA SER D 88 -24.60 -0.48 5.53
C SER D 88 -24.02 0.80 6.14
N VAL D 89 -22.80 0.67 6.65
CA VAL D 89 -21.92 1.82 6.94
C VAL D 89 -20.84 1.85 5.85
N TYR D 90 -20.74 2.99 5.16
CA TYR D 90 -19.77 3.20 4.07
C TYR D 90 -18.63 4.06 4.61
N PHE D 91 -17.40 3.62 4.34
CA PHE D 91 -16.16 4.36 4.62
C PHE D 91 -15.41 4.55 3.32
N CYS D 92 -14.94 5.77 3.13
CA CYS D 92 -13.95 6.05 2.08
C CYS D 92 -12.59 6.23 2.76
N ALA D 93 -11.53 5.97 1.99
CA ALA D 93 -10.13 6.14 2.43
C ALA D 93 -9.30 6.70 1.27
N SER D 94 -8.18 7.33 1.61
CA SER D 94 -7.17 7.77 0.63
C SER D 94 -5.77 7.40 1.14
N SER D 95 -4.83 7.22 0.22
CA SER D 95 -3.42 6.90 0.53
C SER D 95 -2.51 7.54 -0.50
N PHE D 96 -1.32 7.92 -0.08
CA PHE D 96 -0.25 8.34 -1.00
C PHE D 96 0.51 7.09 -1.46
N THR D 97 0.90 6.25 -0.51
CA THR D 97 1.32 4.87 -0.82
C THR D 97 0.15 3.97 -0.44
N ASP D 98 0.37 3.03 0.49
CA ASP D 98 -0.63 2.03 0.93
C ASP D 98 -1.19 2.38 2.30
N THR D 99 -0.58 3.29 3.06
CA THR D 99 -1.16 3.74 4.36
C THR D 99 -2.47 4.49 4.11
N GLN D 100 -3.63 3.90 4.46
CA GLN D 100 -4.95 4.49 4.20
C GLN D 100 -5.41 5.32 5.41
N TYR D 101 -5.97 6.48 5.13
CA TYR D 101 -6.61 7.39 6.11
C TYR D 101 -8.09 7.37 5.76
N PHE D 102 -8.95 7.17 6.76
CA PHE D 102 -10.39 6.93 6.56
C PHE D 102 -11.17 8.20 6.87
N GLY D 103 -12.24 8.40 6.12
CA GLY D 103 -13.29 9.39 6.42
C GLY D 103 -14.14 8.93 7.58
N PRO D 104 -15.05 9.78 8.06
CA PRO D 104 -15.82 9.48 9.27
C PRO D 104 -16.98 8.50 9.08
N GLY D 105 -17.26 8.10 7.84
CA GLY D 105 -18.28 7.08 7.54
C GLY D 105 -19.63 7.69 7.18
N THR D 106 -20.47 6.91 6.49
CA THR D 106 -21.85 7.26 6.10
C THR D 106 -22.74 6.09 6.47
N ARG D 107 -23.74 6.31 7.31
CA ARG D 107 -24.71 5.27 7.69
C ARG D 107 -25.90 5.41 6.73
N LEU D 108 -26.10 4.43 5.86
CA LEU D 108 -27.27 4.38 4.95
C LEU D 108 -28.24 3.29 5.41
N THR D 109 -29.54 3.62 5.54
CA THR D 109 -30.62 2.61 5.72
C THR D 109 -31.56 2.68 4.51
N VAL D 110 -31.78 1.55 3.84
CA VAL D 110 -32.69 1.47 2.66
C VAL D 110 -33.96 0.72 3.06
N LEU D 111 -35.10 1.41 2.94
CA LEU D 111 -36.45 0.99 3.36
C LEU D 111 -37.41 0.81 2.16
N GLU D 112 -38.17 -0.27 2.17
CA GLU D 112 -39.29 -0.51 1.23
C GLU D 112 -40.30 0.63 1.37
N ASP D 113 -40.55 1.04 2.62
CA ASP D 113 -41.63 1.96 3.01
C ASP D 113 -41.13 2.87 4.14
N LEU D 114 -41.25 4.19 4.01
CA LEU D 114 -40.77 5.17 5.03
C LEU D 114 -41.75 5.31 6.21
N LYS D 115 -42.86 4.55 6.19
CA LYS D 115 -43.87 4.53 7.30
C LYS D 115 -43.24 3.91 8.56
N ASN D 116 -42.12 3.18 8.39
CA ASN D 116 -41.39 2.48 9.46
C ASN D 116 -40.33 3.39 10.12
N VAL D 117 -40.16 4.65 9.66
CA VAL D 117 -39.20 5.59 10.28
C VAL D 117 -39.83 6.24 11.52
N PHE D 118 -39.15 6.20 12.66
CA PHE D 118 -39.61 6.82 13.93
C PHE D 118 -38.48 7.54 14.65
N PRO D 119 -38.75 8.75 15.18
CA PRO D 119 -37.78 9.47 15.98
C PRO D 119 -37.80 8.82 17.35
N PRO D 120 -36.77 9.05 18.19
CA PRO D 120 -36.76 8.52 19.55
C PRO D 120 -37.70 9.29 20.46
N GLU D 121 -38.21 8.62 21.49
CA GLU D 121 -38.66 9.25 22.78
C GLU D 121 -37.51 9.20 23.77
N VAL D 122 -37.22 10.30 24.47
CA VAL D 122 -36.05 10.44 25.40
C VAL D 122 -36.57 10.76 26.80
N ALA D 123 -36.09 10.01 27.80
CA ALA D 123 -36.37 10.22 29.23
C ALA D 123 -35.04 10.19 30.02
N VAL D 124 -34.93 11.04 31.03
CA VAL D 124 -33.81 11.07 32.01
C VAL D 124 -34.37 10.53 33.34
N PHE D 125 -33.62 9.62 33.97
CA PHE D 125 -33.97 8.92 35.24
C PHE D 125 -33.00 9.40 36.32
N GLU D 126 -33.55 9.85 37.45
CA GLU D 126 -32.81 10.62 38.48
C GLU D 126 -32.08 9.63 39.37
N PRO D 127 -30.88 9.99 39.90
CA PRO D 127 -30.16 9.11 40.82
C PRO D 127 -31.02 8.66 42.00
N SER D 128 -30.83 7.42 42.49
CA SER D 128 -31.49 6.92 43.72
C SER D 128 -30.75 7.50 44.94
N GLU D 129 -31.50 7.90 45.98
CA GLU D 129 -30.94 8.33 47.30
C GLU D 129 -30.09 7.18 47.85
N ALA D 130 -30.53 5.93 47.71
CA ALA D 130 -29.75 4.73 48.15
C ALA D 130 -28.34 4.80 47.56
N GLU D 131 -28.18 5.16 46.28
CA GLU D 131 -26.83 5.26 45.65
C GLU D 131 -26.08 6.41 46.30
N ILE D 132 -26.69 7.59 46.38
CA ILE D 132 -26.04 8.82 46.96
C ILE D 132 -25.58 8.49 48.39
N SER D 133 -26.42 7.79 49.15
CA SER D 133 -26.13 7.33 50.52
C SER D 133 -24.89 6.45 50.51
N HIS D 134 -24.93 5.36 49.74
CA HIS D 134 -23.95 4.24 49.79
C HIS D 134 -22.61 4.66 49.18
N THR D 135 -22.60 5.48 48.12
CA THR D 135 -21.41 5.71 47.25
C THR D 135 -20.98 7.17 47.24
N GLN D 136 -21.84 8.10 47.65
CA GLN D 136 -21.64 9.56 47.49
C GLN D 136 -21.39 9.87 46.01
N LYS D 137 -21.96 9.07 45.10
CA LYS D 137 -22.02 9.34 43.65
C LYS D 137 -23.49 9.26 43.21
N ALA D 138 -23.82 9.93 42.12
CA ALA D 138 -25.18 10.02 41.57
C ALA D 138 -25.12 9.70 40.08
N THR D 139 -25.75 8.60 39.67
CA THR D 139 -25.82 8.16 38.25
C THR D 139 -27.19 8.58 37.69
N LEU D 140 -27.16 9.36 36.61
CA LEU D 140 -28.33 9.66 35.76
C LEU D 140 -28.36 8.68 34.59
N VAL D 141 -29.55 8.20 34.23
CA VAL D 141 -29.74 7.28 33.08
C VAL D 141 -30.62 8.02 32.05
N CYS D 142 -30.14 8.05 30.80
CA CYS D 142 -30.92 8.47 29.62
C CYS D 142 -31.38 7.23 28.85
N LEU D 143 -32.67 7.15 28.55
CA LEU D 143 -33.28 6.12 27.67
C LEU D 143 -33.83 6.77 26.39
N ALA D 144 -33.30 6.37 25.23
CA ALA D 144 -33.82 6.74 23.89
C ALA D 144 -34.51 5.49 23.33
N THR D 145 -35.83 5.55 23.10
CA THR D 145 -36.70 4.36 22.83
C THR D 145 -37.50 4.55 21.54
N GLY D 146 -37.77 3.45 20.85
CA GLY D 146 -38.71 3.36 19.70
C GLY D 146 -38.23 4.09 18.46
N PHE D 147 -36.92 4.24 18.25
CA PHE D 147 -36.42 4.92 17.03
C PHE D 147 -36.07 3.90 15.95
N TYR D 148 -36.29 4.31 14.71
CA TYR D 148 -35.85 3.61 13.50
C TYR D 148 -35.69 4.65 12.40
N PRO D 149 -34.61 4.61 11.59
CA PRO D 149 -33.52 3.65 11.74
C PRO D 149 -32.53 4.05 12.85
N ASP D 150 -31.45 3.29 13.01
CA ASP D 150 -30.48 3.49 14.11
C ASP D 150 -29.53 4.60 13.67
N HIS D 151 -30.06 5.82 13.45
CA HIS D 151 -29.31 7.04 13.04
C HIS D 151 -29.45 8.07 14.16
N VAL D 152 -28.66 7.90 15.23
CA VAL D 152 -28.79 8.73 16.46
C VAL D 152 -27.41 9.07 16.98
N GLU D 153 -27.29 10.24 17.59
CA GLU D 153 -26.08 10.69 18.31
C GLU D 153 -26.60 11.14 19.69
N LEU D 154 -26.20 10.44 20.74
CA LEU D 154 -26.66 10.77 22.11
C LEU D 154 -25.56 11.59 22.78
N SER D 155 -25.91 12.71 23.41
CA SER D 155 -24.93 13.58 24.08
C SER D 155 -25.52 14.07 25.40
N TRP D 156 -24.63 14.34 26.36
CA TRP D 156 -25.00 14.83 27.71
C TRP D 156 -24.52 16.28 27.82
N TRP D 157 -25.39 17.14 28.31
CA TRP D 157 -25.05 18.58 28.48
C TRP D 157 -25.24 18.94 29.94
N VAL D 158 -24.17 19.46 30.54
CA VAL D 158 -24.12 19.89 31.97
C VAL D 158 -23.86 21.40 32.00
N ASN D 159 -24.85 22.19 32.41
CA ASN D 159 -24.75 23.68 32.42
C ASN D 159 -24.43 24.15 30.99
N GLY D 160 -25.10 23.57 29.98
CA GLY D 160 -24.95 23.91 28.55
C GLY D 160 -23.55 23.65 27.99
N LYS D 161 -22.68 22.92 28.68
CA LYS D 161 -21.41 22.44 28.07
C LYS D 161 -21.56 20.94 27.80
N GLU D 162 -21.13 20.47 26.64
CA GLU D 162 -21.11 19.03 26.37
C GLU D 162 -20.05 18.41 27.28
N VAL D 163 -20.39 17.32 27.94
CA VAL D 163 -19.47 16.55 28.82
C VAL D 163 -19.08 15.25 28.09
N HIS D 164 -17.83 14.83 28.24
CA HIS D 164 -17.33 13.51 27.81
C HIS D 164 -17.08 12.64 29.05
N SER D 165 -16.45 13.21 30.08
CA SER D 165 -16.12 12.51 31.34
C SER D 165 -17.40 12.00 32.00
N GLY D 166 -17.32 10.86 32.68
CA GLY D 166 -18.44 10.35 33.50
C GLY D 166 -19.58 9.74 32.71
N VAL D 167 -19.46 9.63 31.38
CA VAL D 167 -20.52 9.13 30.46
C VAL D 167 -20.16 7.75 29.97
N CYS D 168 -21.14 6.86 29.89
CA CYS D 168 -21.06 5.59 29.14
C CYS D 168 -22.36 5.40 28.37
N THR D 169 -22.28 5.35 27.04
CA THR D 169 -23.42 5.11 26.13
C THR D 169 -23.27 3.68 25.59
N ASP D 170 -24.35 2.90 25.55
CA ASP D 170 -24.38 1.53 24.98
C ASP D 170 -23.68 1.57 23.62
N PRO D 171 -22.63 0.76 23.40
CA PRO D 171 -21.97 0.71 22.09
C PRO D 171 -22.89 0.22 20.95
N GLN D 172 -23.99 -0.46 21.28
CA GLN D 172 -25.04 -0.84 20.30
C GLN D 172 -26.41 -0.82 20.96
N PRO D 173 -27.47 -0.50 20.19
CA PRO D 173 -28.85 -0.47 20.70
C PRO D 173 -29.45 -1.86 20.88
N LEU D 174 -30.48 -1.96 21.73
CA LEU D 174 -31.38 -3.14 21.80
C LEU D 174 -32.43 -3.02 20.69
N LYS D 175 -32.71 -4.12 19.98
CA LYS D 175 -33.90 -4.22 19.10
C LYS D 175 -35.10 -4.54 20.00
N GLU D 176 -36.18 -3.76 19.85
CA GLU D 176 -37.45 -3.96 20.59
C GLU D 176 -38.14 -5.24 20.09
N GLN D 177 -37.95 -5.57 18.81
CA GLN D 177 -38.51 -6.77 18.12
C GLN D 177 -37.38 -7.44 17.37
N PRO D 178 -36.48 -8.18 18.08
CA PRO D 178 -35.28 -8.73 17.46
C PRO D 178 -35.53 -9.64 16.25
N ALA D 179 -36.74 -10.17 16.08
CA ALA D 179 -37.09 -11.05 14.93
C ALA D 179 -37.09 -10.28 13.60
N LEU D 180 -37.28 -8.95 13.65
CA LEU D 180 -37.59 -8.10 12.46
C LEU D 180 -36.41 -7.22 12.06
N ASN D 181 -36.17 -7.11 10.75
CA ASN D 181 -35.07 -6.30 10.18
C ASN D 181 -35.39 -4.82 10.38
N ASP D 182 -36.66 -4.44 10.50
CA ASP D 182 -37.04 -3.02 10.62
C ASP D 182 -37.52 -2.75 12.04
N SER D 183 -37.06 -3.53 13.02
CA SER D 183 -37.33 -3.32 14.47
C SER D 183 -36.88 -1.92 14.86
N ARG D 184 -37.68 -1.26 15.70
CA ARG D 184 -37.28 -0.02 16.38
C ARG D 184 -36.28 -0.38 17.47
N TYR D 185 -35.58 0.62 17.96
CA TYR D 185 -34.37 0.45 18.81
C TYR D 185 -34.57 1.16 20.13
N ALA D 186 -33.88 0.68 21.16
CA ALA D 186 -33.70 1.35 22.47
C ALA D 186 -32.20 1.55 22.73
N LEU D 187 -31.83 2.69 23.30
CA LEU D 187 -30.42 3.02 23.64
C LEU D 187 -30.40 3.66 25.03
N SER D 188 -29.53 3.18 25.91
CA SER D 188 -29.31 3.78 27.24
C SER D 188 -27.94 4.46 27.28
N SER D 189 -27.84 5.49 28.08
CA SER D 189 -26.56 6.14 28.44
C SER D 189 -26.59 6.45 29.94
N ARG D 190 -25.43 6.48 30.60
CA ARG D 190 -25.32 6.92 32.01
C ARG D 190 -24.42 8.15 32.08
N LEU D 191 -24.79 9.07 32.97
CA LEU D 191 -23.87 10.15 33.39
C LEU D 191 -23.73 10.05 34.90
N ARG D 192 -22.51 9.82 35.37
CA ARG D 192 -22.23 9.70 36.81
C ARG D 192 -21.42 10.92 37.28
N VAL D 193 -21.88 11.54 38.36
CA VAL D 193 -21.25 12.74 38.98
C VAL D 193 -21.12 12.49 40.48
N SER D 194 -20.26 13.26 41.17
CA SER D 194 -20.21 13.32 42.65
C SER D 194 -21.61 13.68 43.17
N ALA D 195 -22.02 13.14 44.32
CA ALA D 195 -23.30 13.46 44.99
C ALA D 195 -23.39 14.95 45.33
N THR D 196 -22.26 15.63 45.59
CA THR D 196 -22.16 17.08 45.87
C THR D 196 -22.60 17.85 44.61
N PHE D 197 -21.94 17.61 43.47
CA PHE D 197 -22.27 18.18 42.13
C PHE D 197 -23.76 18.00 41.81
N TRP D 198 -24.32 16.80 42.04
CA TRP D 198 -25.76 16.50 41.81
C TRP D 198 -26.64 17.34 42.74
N GLN D 199 -26.20 17.61 43.98
CA GLN D 199 -27.08 18.17 45.05
C GLN D 199 -27.07 19.72 44.99
N ASP D 200 -26.03 20.31 44.39
CA ASP D 200 -25.90 21.77 44.08
C ASP D 200 -26.85 22.13 42.94
N PRO D 201 -28.02 22.78 43.20
CA PRO D 201 -29.02 23.00 42.16
C PRO D 201 -28.66 24.04 41.08
N ARG D 202 -27.50 24.72 41.24
CA ARG D 202 -26.84 25.59 40.22
C ARG D 202 -26.53 24.80 38.95
N ASN D 203 -26.53 23.46 39.04
CA ASN D 203 -26.10 22.49 37.98
C ASN D 203 -27.31 21.98 37.17
N HIS D 204 -27.25 22.10 35.84
CA HIS D 204 -28.28 21.60 34.87
C HIS D 204 -27.74 20.42 34.05
N PHE D 205 -28.51 19.33 33.99
CA PHE D 205 -28.19 18.04 33.33
C PHE D 205 -29.22 17.77 32.22
N ARG D 206 -28.77 17.73 30.96
CA ARG D 206 -29.66 17.43 29.80
C ARG D 206 -29.07 16.27 28.99
N CYS D 207 -29.94 15.32 28.63
CA CYS D 207 -29.67 14.25 27.64
C CYS D 207 -30.26 14.63 26.28
N GLN D 208 -29.42 14.73 25.26
CA GLN D 208 -29.82 15.12 23.89
C GLN D 208 -29.61 13.96 22.91
N VAL D 209 -30.66 13.58 22.15
CA VAL D 209 -30.54 12.62 21.02
C VAL D 209 -30.83 13.36 19.71
N GLN D 210 -29.82 13.51 18.88
CA GLN D 210 -29.96 13.97 17.48
C GLN D 210 -30.37 12.75 16.65
N PHE D 211 -31.57 12.80 16.06
CA PHE D 211 -32.10 11.74 15.19
C PHE D 211 -32.00 12.20 13.74
N TYR D 212 -31.55 11.32 12.85
CA TYR D 212 -31.45 11.60 11.39
C TYR D 212 -32.53 10.77 10.68
N GLY D 213 -33.57 11.44 10.18
CA GLY D 213 -34.73 10.82 9.54
C GLY D 213 -34.95 11.38 8.16
N LEU D 214 -36.20 11.70 7.84
CA LEU D 214 -36.61 12.25 6.52
C LEU D 214 -36.26 13.74 6.44
N SER D 215 -36.24 14.28 5.21
CA SER D 215 -36.09 15.72 4.90
C SER D 215 -37.50 16.31 4.74
N GLU D 216 -37.61 17.57 4.31
CA GLU D 216 -38.92 18.17 3.91
C GLU D 216 -39.22 17.70 2.48
N ASN D 217 -38.18 17.38 1.70
CA ASN D 217 -38.26 16.88 0.29
C ASN D 217 -38.74 15.43 0.23
N ASP D 218 -38.95 14.77 1.39
CA ASP D 218 -39.54 13.40 1.47
C ASP D 218 -41.07 13.55 1.59
N GLU D 219 -41.84 12.75 0.82
CA GLU D 219 -43.33 12.73 0.83
C GLU D 219 -43.84 12.12 2.14
N TRP D 220 -44.84 12.73 2.80
CA TRP D 220 -45.42 12.17 4.05
C TRP D 220 -46.95 12.04 3.97
N THR D 221 -47.44 10.80 4.04
CA THR D 221 -48.85 10.39 3.86
C THR D 221 -49.52 10.07 5.22
N GLN D 222 -48.75 9.83 6.29
CA GLN D 222 -49.25 9.20 7.54
C GLN D 222 -49.95 10.24 8.41
N ASP D 223 -50.69 9.77 9.41
CA ASP D 223 -51.48 10.63 10.33
C ASP D 223 -50.53 11.32 11.32
N ARG D 224 -49.58 10.57 11.90
CA ARG D 224 -48.58 11.06 12.91
C ARG D 224 -47.60 12.06 12.27
N ALA D 225 -46.93 12.87 13.09
CA ALA D 225 -45.91 13.86 12.67
C ALA D 225 -44.87 13.19 11.75
N LYS D 226 -44.46 13.91 10.70
CA LYS D 226 -43.38 13.52 9.76
C LYS D 226 -42.09 13.31 10.55
N PRO D 227 -41.51 12.09 10.54
CA PRO D 227 -40.30 11.82 11.32
C PRO D 227 -39.01 12.39 10.70
N VAL D 228 -38.89 13.72 10.75
CA VAL D 228 -37.75 14.49 10.18
C VAL D 228 -36.55 14.42 11.14
N THR D 229 -35.37 14.71 10.61
CA THR D 229 -34.16 15.02 11.37
C THR D 229 -34.56 16.03 12.45
N GLN D 230 -34.18 15.74 13.70
CA GLN D 230 -34.63 16.54 14.87
C GLN D 230 -33.87 16.10 16.11
N ILE D 231 -33.62 17.05 17.01
CA ILE D 231 -33.15 16.79 18.39
C ILE D 231 -34.35 16.51 19.28
N VAL D 232 -34.23 15.47 20.12
CA VAL D 232 -35.18 15.12 21.21
C VAL D 232 -34.37 15.05 22.50
N SER D 233 -34.82 15.76 23.54
CA SER D 233 -34.08 16.00 24.80
C SER D 233 -34.93 15.60 25.99
N ALA D 234 -34.28 15.30 27.11
CA ALA D 234 -34.87 15.24 28.46
C ALA D 234 -33.83 15.82 29.43
N GLU D 235 -34.29 16.39 30.54
CA GLU D 235 -33.40 17.22 31.40
C GLU D 235 -33.77 17.03 32.88
N ALA D 236 -32.86 17.48 33.76
CA ALA D 236 -33.02 17.55 35.23
C ALA D 236 -32.07 18.59 35.81
N TRP D 237 -32.45 19.15 36.96
CA TRP D 237 -31.67 20.13 37.76
C TRP D 237 -31.03 19.39 38.95
N GLY D 238 -29.90 19.89 39.44
CA GLY D 238 -29.34 19.51 40.76
C GLY D 238 -30.31 19.79 41.91
N ARG D 239 -30.26 18.99 42.99
CA ARG D 239 -31.20 19.08 44.13
C ARG D 239 -30.57 18.54 45.43
N ALA D 240 -30.49 19.38 46.47
CA ALA D 240 -29.98 19.05 47.83
C ALA D 240 -31.05 18.24 48.58
N GLY E 1 12.53 -10.75 -8.09
CA GLY E 1 11.12 -10.27 -7.96
C GLY E 1 11.03 -8.76 -7.80
N LEU E 2 10.03 -8.16 -8.46
CA LEU E 2 9.83 -6.69 -8.47
C LEU E 2 9.45 -6.14 -7.09
N TYR E 3 9.82 -4.89 -6.85
CA TYR E 3 9.32 -4.02 -5.75
C TYR E 3 7.83 -3.77 -5.96
N ASP E 4 7.07 -3.59 -4.88
CA ASP E 4 5.60 -3.36 -4.94
C ASP E 4 5.26 -1.94 -4.54
N GLY E 5 6.23 -1.00 -4.59
CA GLY E 5 6.03 0.42 -4.21
C GLY E 5 4.93 1.12 -5.02
N MET E 6 4.08 1.88 -4.34
CA MET E 6 2.90 2.60 -4.90
C MET E 6 3.18 4.08 -5.14
N GLU E 7 4.38 4.59 -4.77
CA GLU E 7 4.68 6.04 -4.74
C GLU E 7 4.76 6.57 -6.18
N HIS E 8 4.14 7.72 -6.39
CA HIS E 8 4.16 8.55 -7.63
C HIS E 8 5.17 9.68 -7.43
N LEU E 9 5.73 10.19 -8.53
CA LEU E 9 6.57 11.41 -8.55
C LEU E 9 5.70 12.63 -8.23
C1 GOL F . 22.93 -4.85 -14.89
O1 GOL F . 23.91 -4.01 -14.31
C2 GOL F . 23.20 -5.01 -16.36
O2 GOL F . 22.87 -3.81 -17.03
C3 GOL F . 24.64 -5.38 -16.63
O3 GOL F . 24.78 -6.20 -17.77
H11 GOL F . 22.03 -4.45 -14.77
H12 GOL F . 22.94 -5.73 -14.45
HO1 GOL F . 23.72 -3.95 -13.46
H2 GOL F . 22.62 -5.74 -16.70
HO2 GOL F . 23.58 -3.51 -17.44
H31 GOL F . 25.01 -5.84 -15.85
H32 GOL F . 25.16 -4.55 -16.76
HO3 GOL F . 24.26 -5.92 -18.39
C1 GOL G . 13.60 17.83 -19.52
O1 GOL G . 12.41 17.83 -20.30
C2 GOL G . 13.45 18.65 -18.26
O2 GOL G . 14.60 18.48 -17.44
C3 GOL G . 13.26 20.12 -18.53
O3 GOL G . 14.34 20.65 -19.30
H11 GOL G . 14.35 18.18 -20.05
H12 GOL G . 13.82 16.90 -19.27
HO1 GOL G . 12.54 17.35 -20.96
H2 GOL G . 12.66 18.32 -17.77
HO2 GOL G . 14.94 19.26 -17.29
H31 GOL G . 13.20 20.61 -17.67
H32 GOL G . 12.42 20.25 -19.03
HO3 GOL G . 15.08 20.57 -18.79
C1 GOL H . 17.12 -12.27 4.26
O1 GOL H . 15.95 -12.74 4.91
C2 GOL H . 17.36 -10.81 4.50
O2 GOL H . 18.10 -10.66 5.72
C3 GOL H . 18.09 -10.13 3.37
O3 GOL H . 19.25 -9.42 3.79
H11 GOL H . 17.03 -12.44 3.29
H12 GOL H . 17.89 -12.79 4.59
HO1 GOL H . 15.90 -13.58 4.79
H2 GOL H . 16.48 -10.37 4.61
HO2 GOL H . 18.75 -10.14 5.56
H31 GOL H . 17.47 -9.51 2.92
H32 GOL H . 18.36 -10.82 2.71
HO3 GOL H . 19.34 -9.51 4.63
CL CL I . -13.69 8.46 -13.59
#